data_2XBM
#
_entry.id   2XBM
#
_cell.length_a   137.543
_cell.length_b   137.543
_cell.length_c   109.385
_cell.angle_alpha   90.00
_cell.angle_beta   90.00
_cell.angle_gamma   120.00
#
_symmetry.space_group_name_H-M   'P 32'
#
loop_
_entity.id
_entity.type
_entity.pdbx_description
1 polymer 'NONSTRUCTURAL PROTEIN NS5'
2 polymer "5'-(*G3AP*GP*AP*AP*CP*CP*UP*GP*A)-3'"
3 non-polymer 'SULFATE ION'
4 non-polymer S-ADENOSYL-L-HOMOCYSTEINE
5 non-polymer GLYCEROL
6 water water
#
loop_
_entity_poly.entity_id
_entity_poly.type
_entity_poly.pdbx_seq_one_letter_code
_entity_poly.pdbx_strand_id
1 'polypeptide(L)'
;GTGSQGETLGEKWKKKLNQLSRKEFDLYKKSGITEVDRTEAKEGLKRGETTHHAVSRGSAKLQWFVERNMVIPEGRVIDL
GCGRGGWSYYCAGLKKVTEVRGYTKGGPGHEEPVPMSTYGWNIVKLMSGKDVFYLPPEKCDTLLCDIGESSPSPTVEESR
TIRVLKMVEPWLKNNQFCIKVLNPYMPTVIEHLERLQRKHGGMLVRNPLSRNSTHEMYWISNGTGNIVSSVNMVSRLLLN
RFTMTHRRPTIEKDVDLGAGTRH
;
A,B,C,D
2 'polyribonucleotide' (G3A)GAACCUGA E,F
#
# COMPACT_ATOMS: atom_id res chain seq x y z
N GLY A 3 -28.42 -1.84 4.78
CA GLY A 3 -27.55 -2.88 5.40
C GLY A 3 -27.42 -4.11 4.53
N SER A 4 -26.18 -4.60 4.37
CA SER A 4 -25.87 -5.71 3.45
C SER A 4 -26.72 -6.95 3.72
N GLN A 5 -27.07 -7.66 2.64
CA GLN A 5 -28.14 -8.65 2.68
C GLN A 5 -27.69 -10.10 2.89
N GLY A 6 -26.57 -10.47 2.28
CA GLY A 6 -26.11 -11.85 2.33
C GLY A 6 -24.61 -12.05 2.25
N GLU A 7 -24.13 -13.04 2.98
CA GLU A 7 -22.73 -13.45 2.92
C GLU A 7 -22.55 -14.48 1.82
N THR A 8 -21.33 -14.55 1.28
CA THR A 8 -20.91 -15.63 0.40
C THR A 8 -20.61 -16.89 1.24
N LEU A 9 -20.64 -18.06 0.60
CA LEU A 9 -20.38 -19.33 1.29
C LEU A 9 -19.04 -19.40 1.98
N GLY A 10 -18.01 -18.85 1.34
CA GLY A 10 -16.68 -18.75 1.93
C GLY A 10 -16.64 -17.86 3.15
N GLU A 11 -17.44 -16.79 3.14
CA GLU A 11 -17.54 -15.88 4.29
C GLU A 11 -18.19 -16.57 5.48
N LYS A 12 -19.16 -17.43 5.19
CA LYS A 12 -19.83 -18.25 6.20
C LYS A 12 -18.85 -19.22 6.83
N TRP A 13 -18.00 -19.83 6.00
CA TRP A 13 -16.95 -20.72 6.45
C TRP A 13 -15.95 -20.05 7.38
N LYS A 14 -15.55 -18.83 7.05
CA LYS A 14 -14.60 -18.07 7.88
C LYS A 14 -15.14 -17.73 9.26
N LYS A 15 -16.42 -17.39 9.34
CA LYS A 15 -17.05 -17.05 10.62
C LYS A 15 -17.13 -18.26 11.53
N LYS A 16 -17.34 -19.43 10.93
CA LYS A 16 -17.35 -20.69 11.67
C LYS A 16 -15.95 -21.08 12.11
N LEU A 17 -15.00 -20.97 11.18
CA LEU A 17 -13.59 -21.25 11.46
C LEU A 17 -13.12 -20.44 12.66
N ASN A 18 -13.45 -19.15 12.66
CA ASN A 18 -13.03 -18.22 13.72
C ASN A 18 -13.67 -18.50 15.08
N GLN A 19 -14.82 -19.17 15.08
CA GLN A 19 -15.53 -19.45 16.32
C GLN A 19 -15.33 -20.88 16.81
N LEU A 20 -14.09 -21.36 16.74
CA LEU A 20 -13.77 -22.71 17.20
C LEU A 20 -12.80 -22.69 18.39
N SER A 21 -12.96 -23.67 19.27
CA SER A 21 -12.00 -23.89 20.37
C SER A 21 -10.72 -24.52 19.80
N ARG A 22 -9.60 -24.26 20.46
CA ARG A 22 -8.28 -24.76 20.00
C ARG A 22 -8.31 -26.29 19.75
N LYS A 23 -9.06 -27.00 20.58
CA LYS A 23 -9.23 -28.45 20.44
C LYS A 23 -9.98 -28.83 19.15
N GLU A 24 -11.06 -28.11 18.84
CA GLU A 24 -11.81 -28.29 17.59
C GLU A 24 -11.00 -27.87 16.37
N PHE A 25 -10.38 -26.69 16.45
CA PHE A 25 -9.56 -26.16 15.38
C PHE A 25 -8.41 -27.12 15.01
N ASP A 26 -7.81 -27.73 16.03
CA ASP A 26 -6.70 -28.66 15.81
C ASP A 26 -7.19 -29.96 15.20
N LEU A 27 -8.42 -30.36 15.52
CA LEU A 27 -9.05 -31.52 14.90
C LEU A 27 -9.47 -31.23 13.46
N TYR A 28 -10.06 -30.06 13.24
CA TYR A 28 -10.64 -29.70 11.95
C TYR A 28 -9.62 -29.47 10.83
N LYS A 29 -8.52 -28.79 11.15
CA LYS A 29 -7.57 -28.33 10.15
C LYS A 29 -6.89 -29.43 9.32
N LYS A 30 -6.85 -30.65 9.85
CA LYS A 30 -6.24 -31.76 9.14
C LYS A 30 -7.22 -32.89 8.83
N SER A 31 -8.49 -32.69 9.19
CA SER A 31 -9.51 -33.72 9.01
C SER A 31 -9.79 -34.03 7.54
N GLY A 32 -9.44 -35.24 7.12
CA GLY A 32 -9.75 -35.72 5.79
C GLY A 32 -8.86 -35.24 4.67
N ILE A 33 -7.76 -34.56 5.02
CA ILE A 33 -6.81 -34.06 4.02
C ILE A 33 -5.74 -35.11 3.69
N THR A 34 -5.08 -34.93 2.55
CA THR A 34 -3.90 -35.74 2.23
C THR A 34 -2.66 -35.00 2.74
N GLU A 35 -1.68 -35.77 3.19
CA GLU A 35 -0.50 -35.23 3.85
C GLU A 35 0.74 -36.04 3.48
N VAL A 36 1.85 -35.35 3.27
CA VAL A 36 3.12 -35.98 2.96
C VAL A 36 3.90 -36.29 4.23
N ASP A 37 4.48 -37.49 4.30
CA ASP A 37 5.31 -37.88 5.44
C ASP A 37 6.68 -37.22 5.38
N ARG A 38 7.02 -36.48 6.42
CA ARG A 38 8.25 -35.67 6.42
C ARG A 38 9.34 -36.16 7.38
N THR A 39 8.99 -37.08 8.28
CA THR A 39 9.92 -37.59 9.30
C THR A 39 11.28 -38.03 8.75
N GLU A 40 11.26 -38.68 7.60
CA GLU A 40 12.46 -39.10 6.86
C GLU A 40 13.33 -37.90 6.48
N ALA A 41 12.72 -36.92 5.82
CA ALA A 41 13.42 -35.78 5.25
C ALA A 41 13.92 -34.79 6.31
N LYS A 42 13.07 -34.52 7.31
CA LYS A 42 13.40 -33.61 8.40
C LYS A 42 14.69 -33.99 9.13
N GLU A 43 14.87 -35.29 9.37
CA GLU A 43 16.05 -35.80 10.08
C GLU A 43 17.33 -35.70 9.24
N GLY A 44 17.20 -35.90 7.93
CA GLY A 44 18.32 -35.78 7.01
C GLY A 44 18.82 -34.36 6.85
N LEU A 45 17.89 -33.40 6.96
CA LEU A 45 18.23 -31.99 6.86
C LEU A 45 18.95 -31.49 8.12
N LYS A 46 18.48 -31.93 9.30
CA LYS A 46 19.15 -31.62 10.56
C LYS A 46 20.53 -32.24 10.59
N ARG A 47 20.63 -33.45 10.05
CA ARG A 47 21.88 -34.20 9.94
C ARG A 47 22.87 -33.52 8.98
N GLY A 48 22.36 -32.71 8.06
CA GLY A 48 23.20 -31.91 7.17
C GLY A 48 23.30 -32.39 5.73
N GLU A 49 22.48 -33.38 5.37
CA GLU A 49 22.46 -33.94 4.01
C GLU A 49 21.84 -32.96 3.02
N THR A 50 22.33 -32.98 1.78
CA THR A 50 21.88 -32.02 0.76
C THR A 50 21.34 -32.67 -0.51
N THR A 51 21.20 -33.99 -0.49
CA THR A 51 20.71 -34.75 -1.64
C THR A 51 19.45 -35.55 -1.29
N HIS A 52 18.67 -35.88 -2.32
CA HIS A 52 17.43 -36.68 -2.21
C HIS A 52 16.25 -35.97 -1.56
N HIS A 53 16.49 -35.30 -0.44
CA HIS A 53 15.42 -34.72 0.36
C HIS A 53 14.83 -33.45 -0.24
N ALA A 54 13.51 -33.34 -0.15
CA ALA A 54 12.81 -32.10 -0.47
C ALA A 54 12.97 -31.16 0.72
N VAL A 55 13.23 -29.89 0.41
CA VAL A 55 13.46 -28.85 1.41
C VAL A 55 12.22 -28.50 2.26
N SER A 56 11.03 -28.62 1.66
CA SER A 56 9.78 -28.38 2.37
C SER A 56 8.65 -29.24 1.78
N ARG A 57 7.45 -29.08 2.33
CA ARG A 57 6.26 -29.80 1.84
C ARG A 57 5.84 -29.26 0.48
N GLY A 58 6.43 -28.13 0.10
CA GLY A 58 6.10 -27.45 -1.14
C GLY A 58 6.42 -28.24 -2.40
N SER A 59 7.49 -29.04 -2.35
CA SER A 59 7.86 -29.85 -3.50
C SER A 59 6.73 -30.81 -3.89
N ALA A 60 6.12 -31.44 -2.89
CA ALA A 60 5.03 -32.37 -3.12
C ALA A 60 3.73 -31.66 -3.51
N LYS A 61 3.60 -30.41 -3.07
CA LYS A 61 2.42 -29.63 -3.42
C LYS A 61 2.43 -29.25 -4.90
N LEU A 62 3.61 -28.87 -5.39
CA LEU A 62 3.75 -28.49 -6.80
C LEU A 62 3.58 -29.72 -7.69
N GLN A 63 4.21 -30.83 -7.30
CA GLN A 63 4.10 -32.08 -8.04
C GLN A 63 2.65 -32.43 -8.36
N TRP A 64 1.76 -32.23 -7.39
CA TRP A 64 0.33 -32.54 -7.57
C TRP A 64 -0.25 -31.87 -8.80
N PHE A 65 0.14 -30.63 -9.07
CA PHE A 65 -0.29 -29.92 -10.28
C PHE A 65 0.42 -30.45 -11.53
N VAL A 66 1.72 -30.65 -11.42
CA VAL A 66 2.55 -31.13 -12.54
C VAL A 66 2.06 -32.50 -13.04
N GLU A 67 1.87 -33.44 -12.11
CA GLU A 67 1.30 -34.77 -12.40
C GLU A 67 0.03 -34.70 -13.23
N ARG A 68 -0.72 -33.62 -13.07
CA ARG A 68 -2.04 -33.48 -13.71
C ARG A 68 -2.03 -32.57 -14.95
N ASN A 69 -0.83 -32.16 -15.39
CA ASN A 69 -0.66 -31.28 -16.55
C ASN A 69 -1.31 -29.90 -16.36
N MET A 70 -1.49 -29.50 -15.12
CA MET A 70 -2.09 -28.20 -14.82
C MET A 70 -1.07 -27.07 -15.00
N VAL A 71 0.16 -27.28 -14.50
CA VAL A 71 1.31 -26.46 -14.86
C VAL A 71 2.34 -27.34 -15.55
N ILE A 72 2.92 -26.84 -16.63
CA ILE A 72 4.01 -27.54 -17.31
C ILE A 72 5.26 -26.64 -17.29
N PRO A 73 6.11 -26.78 -16.26
CA PRO A 73 7.29 -25.92 -16.16
C PRO A 73 8.28 -26.13 -17.32
N GLU A 74 8.59 -25.05 -18.03
CA GLU A 74 9.50 -25.07 -19.18
C GLU A 74 10.60 -24.03 -19.07
N GLY A 75 11.64 -24.19 -19.87
CA GLY A 75 12.73 -23.22 -19.98
C GLY A 75 13.04 -22.42 -18.74
N ARG A 76 12.82 -21.11 -18.82
CA ARG A 76 13.14 -20.20 -17.74
C ARG A 76 11.99 -20.08 -16.73
N VAL A 77 12.19 -20.67 -15.56
CA VAL A 77 11.21 -20.67 -14.48
C VAL A 77 11.52 -19.56 -13.48
N ILE A 78 10.55 -18.69 -13.25
CA ILE A 78 10.69 -17.66 -12.22
C ILE A 78 9.72 -17.96 -11.08
N ASP A 79 10.26 -18.02 -9.86
CA ASP A 79 9.50 -18.43 -8.70
C ASP A 79 9.44 -17.33 -7.65
N LEU A 80 8.34 -16.58 -7.64
CA LEU A 80 8.15 -15.48 -6.70
C LEU A 80 7.74 -15.99 -5.32
N GLY A 81 8.49 -15.57 -4.30
CA GLY A 81 8.28 -16.05 -2.93
C GLY A 81 8.70 -17.49 -2.76
N CYS A 82 9.95 -17.79 -3.12
CA CYS A 82 10.45 -19.16 -3.15
C CYS A 82 10.73 -19.75 -1.76
N GLY A 83 10.93 -18.88 -0.77
CA GLY A 83 11.23 -19.31 0.60
C GLY A 83 12.46 -20.20 0.68
N ARG A 84 12.30 -21.35 1.32
CA ARG A 84 13.37 -22.34 1.48
C ARG A 84 13.88 -22.90 0.16
N GLY A 85 13.00 -22.96 -0.86
CA GLY A 85 13.40 -23.37 -2.20
C GLY A 85 12.62 -24.55 -2.76
N GLY A 86 11.57 -24.97 -2.03
CA GLY A 86 10.78 -26.16 -2.38
C GLY A 86 10.34 -26.32 -3.83
N TRP A 87 9.72 -25.27 -4.37
CA TRP A 87 9.23 -25.26 -5.74
C TRP A 87 10.36 -25.16 -6.75
N SER A 88 11.39 -24.40 -6.40
CA SER A 88 12.53 -24.17 -7.28
C SER A 88 13.35 -25.43 -7.53
N TYR A 89 13.64 -26.18 -6.47
CA TYR A 89 14.42 -27.40 -6.56
C TYR A 89 13.67 -28.54 -7.25
N TYR A 90 12.35 -28.58 -7.07
CA TYR A 90 11.52 -29.55 -7.76
C TYR A 90 11.60 -29.36 -9.27
N CYS A 91 11.35 -28.12 -9.71
CA CYS A 91 11.41 -27.76 -11.13
C CYS A 91 12.76 -28.03 -11.77
N ALA A 92 13.83 -27.81 -11.01
CA ALA A 92 15.19 -28.00 -11.49
C ALA A 92 15.42 -29.40 -12.07
N GLY A 93 14.70 -30.39 -11.55
CA GLY A 93 14.82 -31.76 -12.00
C GLY A 93 13.90 -32.16 -13.15
N LEU A 94 13.13 -31.20 -13.66
CA LEU A 94 12.18 -31.46 -14.75
C LEU A 94 12.82 -31.29 -16.12
N LYS A 95 12.46 -32.18 -17.04
CA LYS A 95 13.10 -32.28 -18.36
C LYS A 95 13.13 -30.98 -19.17
N LYS A 96 12.00 -30.25 -19.17
CA LYS A 96 11.84 -29.10 -20.04
C LYS A 96 12.41 -27.79 -19.47
N VAL A 97 12.67 -27.78 -18.17
CA VAL A 97 13.20 -26.61 -17.48
C VAL A 97 14.69 -26.41 -17.82
N THR A 98 15.09 -25.18 -18.10
CA THR A 98 16.50 -24.88 -18.43
C THR A 98 17.19 -24.04 -17.35
N GLU A 99 16.44 -23.14 -16.73
CA GLU A 99 16.97 -22.32 -15.63
C GLU A 99 15.86 -21.95 -14.63
N VAL A 100 16.23 -21.86 -13.36
CA VAL A 100 15.30 -21.47 -12.30
C VAL A 100 15.84 -20.26 -11.55
N ARG A 101 15.00 -19.24 -11.40
CA ARG A 101 15.32 -18.07 -10.59
C ARG A 101 14.27 -17.89 -9.49
N GLY A 102 14.69 -18.09 -8.24
CA GLY A 102 13.82 -17.87 -7.09
C GLY A 102 14.09 -16.53 -6.45
N TYR A 103 13.03 -15.88 -5.97
CA TYR A 103 13.13 -14.61 -5.25
C TYR A 103 12.30 -14.68 -3.99
N THR A 104 12.88 -14.29 -2.86
CA THR A 104 12.16 -14.33 -1.60
C THR A 104 12.52 -13.16 -0.67
N LYS A 105 11.70 -12.96 0.34
CA LYS A 105 11.79 -11.82 1.24
C LYS A 105 12.99 -11.97 2.18
N GLY A 106 13.05 -13.08 2.89
CA GLY A 106 14.11 -13.31 3.88
C GLY A 106 14.01 -12.37 5.06
N GLY A 107 15.13 -12.19 5.76
CA GLY A 107 15.14 -11.39 6.98
C GLY A 107 14.70 -12.21 8.18
N PRO A 108 14.89 -11.67 9.40
CA PRO A 108 14.50 -12.37 10.62
C PRO A 108 13.03 -12.80 10.64
N GLY A 109 12.79 -14.04 11.09
CA GLY A 109 11.43 -14.58 11.20
C GLY A 109 10.82 -14.97 9.87
N HIS A 110 11.59 -14.82 8.80
CA HIS A 110 11.14 -15.22 7.47
C HIS A 110 12.11 -16.21 6.84
N GLU A 111 11.53 -17.18 6.12
CA GLU A 111 12.25 -18.34 5.59
C GLU A 111 13.37 -17.97 4.63
N GLU A 112 14.57 -18.44 4.93
CA GLU A 112 15.75 -18.18 4.10
C GLU A 112 16.03 -19.37 3.16
N PRO A 113 16.43 -19.10 1.90
CA PRO A 113 16.77 -20.16 0.94
C PRO A 113 17.82 -21.14 1.49
N VAL A 114 17.63 -22.42 1.19
CA VAL A 114 18.51 -23.48 1.67
C VAL A 114 19.30 -24.07 0.51
N PRO A 115 20.65 -24.04 0.60
CA PRO A 115 21.54 -24.61 -0.42
C PRO A 115 21.40 -26.13 -0.49
N MET A 116 21.11 -26.65 -1.67
CA MET A 116 20.92 -28.08 -1.86
C MET A 116 21.68 -28.57 -3.08
N SER A 117 21.91 -29.87 -3.14
CA SER A 117 22.57 -30.48 -4.29
C SER A 117 21.75 -31.63 -4.85
N THR A 118 20.44 -31.47 -4.83
CA THR A 118 19.49 -32.36 -5.50
C THR A 118 19.64 -32.19 -7.02
N TYR A 119 19.06 -33.12 -7.78
CA TYR A 119 19.20 -33.13 -9.23
C TYR A 119 18.83 -31.80 -9.87
N GLY A 120 19.80 -31.19 -10.54
CA GLY A 120 19.60 -29.95 -11.27
C GLY A 120 19.91 -28.69 -10.49
N TRP A 121 20.52 -28.84 -9.31
CA TRP A 121 20.82 -27.71 -8.42
C TRP A 121 21.61 -26.60 -9.11
N ASN A 122 22.41 -26.98 -10.09
CA ASN A 122 23.31 -26.05 -10.76
C ASN A 122 22.65 -25.06 -11.73
N ILE A 123 21.38 -25.28 -12.04
CA ILE A 123 20.63 -24.33 -12.87
C ILE A 123 19.71 -23.43 -12.04
N VAL A 124 19.84 -23.53 -10.72
CA VAL A 124 19.00 -22.80 -9.78
C VAL A 124 19.81 -21.67 -9.14
N LYS A 125 19.20 -20.49 -9.08
CA LYS A 125 19.75 -19.36 -8.31
C LYS A 125 18.65 -18.78 -7.45
N LEU A 126 18.80 -18.86 -6.14
CA LEU A 126 17.84 -18.28 -5.21
C LEU A 126 18.46 -17.04 -4.55
N MET A 127 17.84 -15.89 -4.75
CA MET A 127 18.24 -14.68 -4.04
C MET A 127 17.24 -14.27 -2.97
N SER A 128 17.76 -14.03 -1.78
CA SER A 128 16.99 -13.56 -0.65
C SER A 128 17.09 -12.04 -0.57
N GLY A 129 16.34 -11.45 0.35
CA GLY A 129 16.35 -10.00 0.56
C GLY A 129 15.70 -9.26 -0.60
N LYS A 130 14.66 -9.85 -1.16
CA LYS A 130 14.00 -9.32 -2.34
C LYS A 130 12.50 -9.22 -2.16
N ASP A 131 12.00 -8.00 -1.95
CA ASP A 131 10.55 -7.76 -1.89
C ASP A 131 10.01 -7.73 -3.31
N VAL A 132 9.17 -8.70 -3.61
CA VAL A 132 8.77 -9.01 -4.98
C VAL A 132 7.89 -7.93 -5.63
N PHE A 133 7.18 -7.14 -4.80
CA PHE A 133 6.35 -6.05 -5.29
C PHE A 133 7.16 -4.92 -5.93
N TYR A 134 8.49 -5.02 -5.84
CA TYR A 134 9.38 -3.99 -6.37
C TYR A 134 10.40 -4.59 -7.35
N LEU A 135 10.18 -5.84 -7.71
CA LEU A 135 11.00 -6.56 -8.67
C LEU A 135 10.47 -6.27 -10.07
N PRO A 136 11.26 -5.59 -10.93
CA PRO A 136 10.79 -5.34 -12.29
C PRO A 136 10.51 -6.65 -13.05
N PRO A 137 9.34 -6.75 -13.70
CA PRO A 137 8.98 -7.96 -14.44
C PRO A 137 9.94 -8.26 -15.59
N GLU A 138 10.25 -9.53 -15.76
CA GLU A 138 11.14 -9.99 -16.82
C GLU A 138 10.42 -10.99 -17.71
N LYS A 139 10.99 -11.26 -18.88
CA LYS A 139 10.49 -12.34 -19.73
C LYS A 139 10.90 -13.71 -19.17
N CYS A 140 9.92 -14.60 -19.07
CA CYS A 140 10.14 -15.95 -18.58
C CYS A 140 9.15 -16.93 -19.20
N ASP A 141 9.48 -18.22 -19.18
CA ASP A 141 8.65 -19.24 -19.79
C ASP A 141 7.58 -19.78 -18.85
N THR A 142 7.86 -19.72 -17.55
CA THR A 142 6.90 -20.14 -16.53
C THR A 142 7.04 -19.30 -15.25
N LEU A 143 5.90 -18.89 -14.72
CA LEU A 143 5.83 -18.02 -13.56
C LEU A 143 5.16 -18.73 -12.39
N LEU A 144 5.90 -18.89 -11.29
CA LEU A 144 5.37 -19.53 -10.10
C LEU A 144 5.30 -18.52 -8.95
N CYS A 145 4.17 -18.53 -8.24
CA CYS A 145 3.97 -17.58 -7.15
C CYS A 145 3.19 -18.20 -5.99
N ASP A 146 3.81 -18.21 -4.81
CA ASP A 146 3.21 -18.78 -3.62
C ASP A 146 3.05 -17.77 -2.48
N ILE A 147 3.08 -16.48 -2.82
CA ILE A 147 2.93 -15.40 -1.83
C ILE A 147 1.48 -15.30 -1.35
N GLY A 148 1.30 -14.92 -0.08
CA GLY A 148 -0.05 -14.66 0.46
C GLY A 148 -0.26 -15.13 1.89
N GLU A 149 -0.28 -14.19 2.83
CA GLU A 149 -0.39 -14.51 4.26
C GLU A 149 -1.82 -14.44 4.80
N SER A 150 -2.22 -15.50 5.51
CA SER A 150 -3.54 -15.59 6.12
C SER A 150 -3.82 -14.51 7.15
N SER A 151 -5.11 -14.26 7.38
CA SER A 151 -5.58 -13.32 8.40
C SER A 151 -6.95 -13.78 8.85
N PRO A 152 -7.28 -13.60 10.15
CA PRO A 152 -8.62 -13.98 10.61
C PRO A 152 -9.69 -13.08 10.01
N SER A 153 -9.27 -11.89 9.56
CA SER A 153 -10.15 -10.97 8.84
C SER A 153 -10.16 -11.29 7.35
N PRO A 154 -11.34 -11.61 6.80
CA PRO A 154 -11.45 -11.88 5.35
C PRO A 154 -11.25 -10.65 4.48
N THR A 155 -11.58 -9.45 4.97
CA THR A 155 -11.35 -8.23 4.20
C THR A 155 -9.87 -7.85 4.14
N VAL A 156 -9.11 -8.26 5.15
CA VAL A 156 -7.65 -8.05 5.15
C VAL A 156 -6.99 -9.00 4.16
N GLU A 157 -7.42 -10.27 4.18
CA GLU A 157 -6.96 -11.26 3.21
C GLU A 157 -7.31 -10.82 1.79
N GLU A 158 -8.50 -10.27 1.63
CA GLU A 158 -9.00 -9.75 0.37
C GLU A 158 -8.04 -8.75 -0.29
N SER A 159 -7.61 -7.75 0.47
CA SER A 159 -6.73 -6.72 -0.08
C SER A 159 -5.33 -7.26 -0.33
N ARG A 160 -4.88 -8.17 0.52
CA ARG A 160 -3.58 -8.84 0.35
C ARG A 160 -3.56 -9.65 -0.93
N THR A 161 -4.68 -10.34 -1.18
CA THR A 161 -4.84 -11.20 -2.32
C THR A 161 -4.92 -10.38 -3.64
N ILE A 162 -5.56 -9.21 -3.59
CA ILE A 162 -5.70 -8.34 -4.76
C ILE A 162 -4.37 -7.69 -5.13
N ARG A 163 -3.59 -7.34 -4.11
CA ARG A 163 -2.28 -6.74 -4.29
C ARG A 163 -1.32 -7.72 -4.98
N VAL A 164 -1.42 -9.00 -4.62
CA VAL A 164 -0.67 -10.07 -5.26
C VAL A 164 -1.07 -10.21 -6.72
N LEU A 165 -2.38 -10.26 -6.96
CA LEU A 165 -2.92 -10.38 -8.32
C LEU A 165 -2.48 -9.22 -9.22
N LYS A 166 -2.43 -8.01 -8.67
CA LYS A 166 -1.97 -6.86 -9.42
C LYS A 166 -0.48 -6.93 -9.79
N MET A 167 0.37 -7.43 -8.90
CA MET A 167 1.81 -7.48 -9.19
C MET A 167 2.17 -8.64 -10.11
N VAL A 168 1.41 -9.71 -10.01
CA VAL A 168 1.66 -10.92 -10.79
C VAL A 168 1.28 -10.72 -12.26
N GLU A 169 0.25 -9.91 -12.52
CA GLU A 169 -0.29 -9.73 -13.87
C GLU A 169 0.77 -9.39 -14.93
N PRO A 170 1.55 -8.30 -14.76
CA PRO A 170 2.52 -7.93 -15.80
C PRO A 170 3.60 -8.98 -16.09
N TRP A 171 3.71 -10.01 -15.26
CA TRP A 171 4.64 -11.11 -15.51
C TRP A 171 4.09 -12.15 -16.52
N LEU A 172 2.77 -12.10 -16.75
CA LEU A 172 2.10 -13.11 -17.59
C LEU A 172 1.92 -12.66 -19.04
N LYS A 173 2.41 -13.47 -19.97
CA LYS A 173 2.35 -13.14 -21.39
C LYS A 173 2.01 -14.38 -22.24
N ASN A 174 3.00 -15.24 -22.46
CA ASN A 174 2.77 -16.49 -23.21
C ASN A 174 3.40 -17.63 -22.45
N ASN A 175 3.06 -17.71 -21.16
CA ASN A 175 3.76 -18.61 -20.25
C ASN A 175 2.85 -19.51 -19.44
N GLN A 176 3.46 -20.56 -18.90
CA GLN A 176 2.81 -21.40 -17.91
C GLN A 176 2.83 -20.65 -16.59
N PHE A 177 1.79 -20.81 -15.78
CA PHE A 177 1.77 -20.20 -14.46
C PHE A 177 1.04 -21.01 -13.41
N CYS A 178 1.41 -20.77 -12.16
CA CYS A 178 0.76 -21.39 -11.01
C CYS A 178 0.82 -20.39 -9.85
N ILE A 179 -0.26 -19.65 -9.65
CA ILE A 179 -0.29 -18.54 -8.71
C ILE A 179 -1.23 -18.84 -7.56
N LYS A 180 -0.71 -18.72 -6.33
CA LYS A 180 -1.54 -18.89 -5.14
C LYS A 180 -2.51 -17.73 -4.97
N VAL A 181 -3.79 -18.05 -4.87
CA VAL A 181 -4.83 -17.08 -4.59
C VAL A 181 -5.34 -17.36 -3.18
N LEU A 182 -4.91 -16.54 -2.23
CA LEU A 182 -5.17 -16.76 -0.80
C LEU A 182 -6.65 -16.79 -0.46
N ASN A 183 -7.38 -15.79 -0.93
CA ASN A 183 -8.79 -15.64 -0.60
C ASN A 183 -9.60 -15.42 -1.87
N PRO A 184 -10.17 -16.49 -2.43
CA PRO A 184 -10.89 -16.39 -3.70
C PRO A 184 -12.40 -16.22 -3.56
N TYR A 185 -12.93 -16.23 -2.35
CA TYR A 185 -14.38 -16.22 -2.16
C TYR A 185 -14.98 -14.82 -1.99
N MET A 186 -14.14 -13.86 -1.62
CA MET A 186 -14.57 -12.48 -1.42
C MET A 186 -15.02 -11.83 -2.74
N PRO A 187 -16.13 -11.06 -2.71
CA PRO A 187 -16.75 -10.46 -3.89
C PRO A 187 -15.81 -9.74 -4.86
N THR A 188 -14.95 -8.84 -4.37
CA THR A 188 -14.08 -8.07 -5.29
C THR A 188 -12.89 -8.87 -5.84
N VAL A 189 -12.50 -9.94 -5.14
CA VAL A 189 -11.51 -10.87 -5.66
C VAL A 189 -12.08 -11.64 -6.85
N ILE A 190 -13.37 -11.97 -6.76
CA ILE A 190 -14.07 -12.69 -7.81
C ILE A 190 -14.18 -11.84 -9.09
N GLU A 191 -14.38 -10.53 -8.93
CA GLU A 191 -14.37 -9.61 -10.06
C GLU A 191 -13.01 -9.54 -10.76
N HIS A 192 -11.94 -9.56 -9.96
CA HIS A 192 -10.60 -9.46 -10.49
C HIS A 192 -10.17 -10.75 -11.19
N LEU A 193 -10.43 -11.88 -10.54
CA LEU A 193 -10.09 -13.18 -11.10
C LEU A 193 -10.80 -13.42 -12.43
N GLU A 194 -12.03 -12.94 -12.53
CA GLU A 194 -12.80 -13.02 -13.76
C GLU A 194 -12.11 -12.27 -14.89
N ARG A 195 -11.73 -11.02 -14.64
CA ARG A 195 -11.08 -10.17 -15.64
C ARG A 195 -9.72 -10.73 -16.04
N LEU A 196 -9.07 -11.44 -15.12
CA LEU A 196 -7.77 -12.06 -15.38
C LEU A 196 -7.88 -13.30 -16.23
N GLN A 197 -8.84 -14.17 -15.90
CA GLN A 197 -9.08 -15.38 -16.69
C GLN A 197 -9.46 -15.03 -18.12
N ARG A 198 -10.20 -13.95 -18.26
CA ARG A 198 -10.61 -13.43 -19.55
C ARG A 198 -9.40 -13.08 -20.41
N LYS A 199 -8.39 -12.49 -19.76
CA LYS A 199 -7.13 -12.09 -20.41
C LYS A 199 -6.15 -13.24 -20.62
N HIS A 200 -5.90 -14.01 -19.56
CA HIS A 200 -4.80 -14.95 -19.55
C HIS A 200 -5.23 -16.42 -19.50
N GLY A 201 -6.55 -16.65 -19.47
CA GLY A 201 -7.11 -17.99 -19.41
C GLY A 201 -6.82 -18.65 -18.09
N GLY A 202 -6.86 -19.99 -18.08
CA GLY A 202 -6.54 -20.76 -16.89
C GLY A 202 -7.74 -21.08 -16.03
N MET A 203 -7.50 -21.68 -14.86
CA MET A 203 -8.57 -22.06 -13.95
CA MET A 203 -8.56 -22.09 -13.96
C MET A 203 -8.09 -22.13 -12.52
N LEU A 204 -9.03 -22.04 -11.58
CA LEU A 204 -8.75 -22.13 -10.15
C LEU A 204 -8.91 -23.55 -9.65
N VAL A 205 -7.94 -24.01 -8.86
CA VAL A 205 -7.92 -25.40 -8.41
C VAL A 205 -7.60 -25.52 -6.92
N ARG A 206 -8.21 -26.51 -6.28
CA ARG A 206 -7.95 -26.84 -4.90
C ARG A 206 -6.91 -27.94 -4.85
N ASN A 207 -5.86 -27.71 -4.07
CA ASN A 207 -4.86 -28.72 -3.80
C ASN A 207 -5.27 -29.48 -2.53
N PRO A 208 -5.33 -30.83 -2.60
CA PRO A 208 -5.72 -31.71 -1.49
C PRO A 208 -4.75 -31.66 -0.30
N LEU A 209 -3.54 -31.19 -0.55
CA LEU A 209 -2.51 -31.07 0.47
C LEU A 209 -2.66 -29.79 1.29
N SER A 210 -3.60 -28.94 0.88
CA SER A 210 -3.94 -27.74 1.65
C SER A 210 -4.73 -28.11 2.90
N ARG A 211 -4.51 -27.37 3.98
CA ARG A 211 -5.24 -27.60 5.23
C ARG A 211 -6.66 -27.06 5.14
N ASN A 212 -7.53 -27.53 6.03
CA ASN A 212 -8.91 -27.09 6.05
C ASN A 212 -9.08 -25.67 6.59
N SER A 213 -8.05 -25.15 7.23
CA SER A 213 -8.09 -23.81 7.84
C SER A 213 -7.78 -22.69 6.84
N THR A 214 -7.42 -23.07 5.62
CA THR A 214 -7.19 -22.10 4.54
C THR A 214 -8.12 -22.37 3.37
N HIS A 215 -8.63 -21.32 2.75
CA HIS A 215 -9.49 -21.44 1.56
C HIS A 215 -8.65 -21.30 0.28
N GLU A 216 -7.33 -21.26 0.46
CA GLU A 216 -6.32 -21.35 -0.59
C GLU A 216 -6.79 -22.02 -1.88
N MET A 217 -6.56 -21.33 -2.99
CA MET A 217 -6.72 -21.94 -4.31
C MET A 217 -5.63 -21.45 -5.26
N TYR A 218 -5.35 -22.25 -6.29
CA TYR A 218 -4.28 -21.92 -7.22
C TYR A 218 -4.80 -21.62 -8.61
N TRP A 219 -4.40 -20.46 -9.13
CA TRP A 219 -4.71 -20.11 -10.49
C TRP A 219 -3.64 -20.73 -11.39
N ILE A 220 -4.06 -21.68 -12.21
CA ILE A 220 -3.14 -22.44 -13.05
C ILE A 220 -3.42 -22.16 -14.51
N SER A 221 -2.40 -22.30 -15.35
CA SER A 221 -2.53 -21.92 -16.76
C SER A 221 -3.30 -22.91 -17.61
N ASN A 222 -3.11 -24.20 -17.38
CA ASN A 222 -3.69 -25.22 -18.25
C ASN A 222 -5.03 -25.78 -17.75
N GLY A 223 -6.08 -25.01 -17.98
CA GLY A 223 -7.41 -25.38 -17.54
C GLY A 223 -8.41 -24.34 -17.96
N THR A 224 -9.67 -24.66 -17.77
CA THR A 224 -10.77 -23.75 -18.05
C THR A 224 -11.97 -24.13 -17.18
N GLY A 225 -12.82 -23.14 -16.90
CA GLY A 225 -14.05 -23.39 -16.16
C GLY A 225 -14.61 -22.15 -15.53
N ASN A 226 -15.77 -22.29 -14.90
CA ASN A 226 -16.39 -21.19 -14.18
C ASN A 226 -15.79 -21.07 -12.78
N ILE A 227 -15.02 -20.01 -12.54
CA ILE A 227 -14.34 -19.83 -11.25
C ILE A 227 -15.34 -19.71 -10.09
N VAL A 228 -16.50 -19.12 -10.36
CA VAL A 228 -17.50 -18.93 -9.32
C VAL A 228 -17.93 -20.27 -8.74
N SER A 229 -18.25 -21.21 -9.62
CA SER A 229 -18.70 -22.53 -9.18
C SER A 229 -17.57 -23.36 -8.57
N SER A 230 -16.37 -23.25 -9.10
CA SER A 230 -15.25 -23.99 -8.52
C SER A 230 -14.81 -23.47 -7.15
N VAL A 231 -14.92 -22.16 -6.93
CA VAL A 231 -14.69 -21.58 -5.60
C VAL A 231 -15.76 -22.07 -4.62
N ASN A 232 -17.01 -22.10 -5.07
CA ASN A 232 -18.14 -22.50 -4.25
C ASN A 232 -18.14 -23.97 -3.86
N MET A 233 -17.53 -24.83 -4.67
CA MET A 233 -17.44 -26.26 -4.35
C MET A 233 -16.50 -26.47 -3.17
N VAL A 234 -15.41 -25.72 -3.16
CA VAL A 234 -14.44 -25.73 -2.06
C VAL A 234 -15.10 -25.24 -0.76
N SER A 235 -15.92 -24.21 -0.86
CA SER A 235 -16.64 -23.68 0.30
C SER A 235 -17.56 -24.73 0.90
N ARG A 236 -18.30 -25.43 0.06
CA ARG A 236 -19.21 -26.48 0.51
C ARG A 236 -18.42 -27.63 1.10
N LEU A 237 -17.29 -27.95 0.45
CA LEU A 237 -16.39 -29.02 0.89
C LEU A 237 -15.90 -28.74 2.30
N LEU A 238 -15.38 -27.53 2.51
CA LEU A 238 -14.85 -27.12 3.80
C LEU A 238 -15.95 -26.95 4.87
N LEU A 239 -17.14 -26.54 4.45
CA LEU A 239 -18.28 -26.43 5.36
C LEU A 239 -18.77 -27.80 5.82
N ASN A 240 -18.73 -28.78 4.92
CA ASN A 240 -19.13 -30.14 5.24
C ASN A 240 -18.22 -30.81 6.26
N ARG A 241 -16.94 -30.44 6.22
CA ARG A 241 -15.93 -31.02 7.10
C ARG A 241 -16.03 -30.55 8.55
N PHE A 242 -16.90 -29.57 8.80
CA PHE A 242 -17.20 -29.15 10.17
C PHE A 242 -18.01 -30.21 10.90
N THR A 243 -19.09 -30.68 10.26
CA THR A 243 -20.02 -31.63 10.87
C THR A 243 -19.59 -33.10 10.72
N MET A 244 -18.90 -33.41 9.62
CA MET A 244 -18.34 -34.74 9.40
C MET A 244 -17.46 -35.18 10.58
N THR A 245 -17.59 -36.45 10.97
CA THR A 245 -16.76 -37.00 12.05
C THR A 245 -15.29 -37.02 11.64
N HIS A 246 -14.41 -36.67 12.57
CA HIS A 246 -12.98 -36.53 12.30
C HIS A 246 -12.37 -37.71 11.57
N ARG A 247 -11.65 -37.42 10.50
CA ARG A 247 -10.91 -38.41 9.73
C ARG A 247 -9.42 -38.17 9.82
N ARG A 248 -8.65 -39.26 9.90
CA ARG A 248 -7.18 -39.18 9.89
C ARG A 248 -6.72 -38.72 8.51
N PRO A 249 -5.63 -37.94 8.45
CA PRO A 249 -5.08 -37.54 7.16
C PRO A 249 -4.52 -38.73 6.38
N THR A 250 -4.72 -38.72 5.06
CA THR A 250 -4.14 -39.74 4.19
C THR A 250 -2.66 -39.42 4.00
N ILE A 251 -1.80 -40.26 4.57
CA ILE A 251 -0.35 -40.04 4.48
C ILE A 251 0.22 -40.65 3.20
N GLU A 252 0.93 -39.82 2.45
CA GLU A 252 1.64 -40.23 1.24
C GLU A 252 3.14 -40.12 1.44
N LYS A 253 3.91 -40.76 0.56
CA LYS A 253 5.36 -40.66 0.60
C LYS A 253 5.85 -39.36 -0.04
N ASP A 254 6.93 -38.80 0.51
CA ASP A 254 7.49 -37.55 0.04
C ASP A 254 8.24 -37.73 -1.28
N VAL A 255 8.52 -36.62 -1.95
CA VAL A 255 9.24 -36.61 -3.22
C VAL A 255 10.72 -36.94 -3.01
N ASP A 256 11.25 -37.82 -3.85
CA ASP A 256 12.70 -38.05 -3.92
C ASP A 256 13.24 -37.21 -5.08
N LEU A 257 14.08 -36.22 -4.76
CA LEU A 257 14.56 -35.28 -5.76
C LEU A 257 15.95 -35.64 -6.31
N GLY A 258 16.52 -36.74 -5.82
CA GLY A 258 17.76 -37.27 -6.35
C GLY A 258 19.01 -36.45 -6.10
N ALA A 259 19.96 -36.54 -7.03
CA ALA A 259 21.27 -35.89 -6.91
C ALA A 259 21.87 -35.61 -8.29
N GLY A 260 22.96 -34.86 -8.33
CA GLY A 260 23.70 -34.63 -9.57
C GLY A 260 23.39 -33.32 -10.28
N THR A 261 24.19 -33.02 -11.31
CA THR A 261 24.09 -31.76 -12.05
C THR A 261 23.41 -31.94 -13.41
N ARG A 262 23.20 -30.82 -14.12
CA ARG A 262 22.55 -30.84 -15.43
C ARG A 262 23.26 -29.96 -16.47
N HIS A 263 22.86 -30.10 -17.73
CA HIS A 263 23.39 -29.31 -18.84
C HIS A 263 22.94 -27.85 -18.78
N GLY B 6 15.07 2.26 24.72
CA GLY B 6 14.89 3.73 24.57
C GLY B 6 13.72 4.12 23.67
N GLU B 7 13.03 5.20 24.05
CA GLU B 7 11.86 5.70 23.32
C GLU B 7 11.91 7.22 23.17
N THR B 8 11.32 7.74 22.09
CA THR B 8 11.33 9.18 21.80
C THR B 8 10.30 9.96 22.62
N LEU B 9 10.53 11.26 22.80
CA LEU B 9 9.62 12.12 23.59
C LEU B 9 8.19 12.13 23.09
N GLY B 10 8.02 12.17 21.77
CA GLY B 10 6.71 12.08 21.14
C GLY B 10 6.02 10.75 21.41
N GLU B 11 6.80 9.67 21.46
CA GLU B 11 6.27 8.34 21.76
C GLU B 11 5.76 8.27 23.19
N LYS B 12 6.48 8.94 24.09
CA LYS B 12 6.10 9.06 25.50
C LYS B 12 4.77 9.80 25.63
N TRP B 13 4.63 10.88 24.85
CA TRP B 13 3.41 11.67 24.79
C TRP B 13 2.19 10.86 24.34
N LYS B 14 2.39 10.03 23.31
CA LYS B 14 1.31 9.19 22.79
C LYS B 14 0.80 8.16 23.78
N LYS B 15 1.71 7.57 24.56
CA LYS B 15 1.35 6.56 25.56
C LYS B 15 0.53 7.17 26.67
N LYS B 16 0.86 8.41 27.02
CA LYS B 16 0.11 9.17 28.02
C LYS B 16 -1.26 9.59 27.47
N LEU B 17 -1.25 10.12 26.26
CA LEU B 17 -2.48 10.51 25.57
C LEU B 17 -3.48 9.36 25.56
N ASN B 18 -2.99 8.17 25.19
CA ASN B 18 -3.82 6.98 25.09
C ASN B 18 -4.36 6.45 26.42
N GLN B 19 -3.69 6.81 27.53
CA GLN B 19 -4.11 6.33 28.84
C GLN B 19 -4.87 7.39 29.65
N LEU B 20 -5.79 8.07 28.98
CA LEU B 20 -6.58 9.12 29.59
C LEU B 20 -8.07 8.78 29.59
N SER B 21 -8.76 9.19 30.66
CA SER B 21 -10.22 9.07 30.72
C SER B 21 -10.87 10.11 29.82
N ARG B 22 -12.07 9.82 29.30
CA ARG B 22 -12.76 10.73 28.37
C ARG B 22 -12.88 12.16 28.94
N LYS B 23 -13.06 12.25 30.26
CA LYS B 23 -13.13 13.54 30.96
C LYS B 23 -11.80 14.30 30.90
N GLU B 24 -10.69 13.61 31.14
CA GLU B 24 -9.35 14.19 31.02
C GLU B 24 -8.99 14.54 29.59
N PHE B 25 -9.24 13.60 28.67
CA PHE B 25 -8.98 13.80 27.26
C PHE B 25 -9.71 15.01 26.71
N ASP B 26 -10.96 15.20 27.14
CA ASP B 26 -11.76 16.33 26.68
C ASP B 26 -11.26 17.65 27.25
N LEU B 27 -10.71 17.60 28.46
CA LEU B 27 -10.07 18.76 29.08
C LEU B 27 -8.73 19.09 28.42
N TYR B 28 -7.92 18.04 28.17
CA TYR B 28 -6.56 18.20 27.67
C TYR B 28 -6.47 18.71 26.24
N LYS B 29 -7.33 18.21 25.36
CA LYS B 29 -7.21 18.46 23.91
C LYS B 29 -7.33 19.92 23.48
N LYS B 30 -7.97 20.75 24.31
CA LYS B 30 -8.14 22.16 23.99
C LYS B 30 -7.44 23.08 25.01
N SER B 31 -6.77 22.50 25.99
CA SER B 31 -6.14 23.26 27.06
C SER B 31 -5.00 24.14 26.57
N GLY B 32 -5.21 25.45 26.65
CA GLY B 32 -4.16 26.43 26.31
C GLY B 32 -3.93 26.69 24.84
N ILE B 33 -4.79 26.16 23.98
CA ILE B 33 -4.68 26.38 22.54
C ILE B 33 -5.40 27.64 22.09
N THR B 34 -5.05 28.14 20.91
CA THR B 34 -5.81 29.21 20.29
C THR B 34 -6.89 28.59 19.40
N GLU B 35 -8.04 29.26 19.31
CA GLU B 35 -9.21 28.73 18.63
C GLU B 35 -9.99 29.84 17.95
N VAL B 36 -10.48 29.55 16.76
CA VAL B 36 -11.26 30.50 15.98
C VAL B 36 -12.74 30.35 16.32
N ASP B 37 -13.44 31.47 16.51
CA ASP B 37 -14.89 31.45 16.77
C ASP B 37 -15.67 31.18 15.48
N ARG B 38 -16.48 30.13 15.50
CA ARG B 38 -17.17 29.68 14.29
C ARG B 38 -18.69 29.88 14.31
N THR B 39 -19.24 30.22 15.48
CA THR B 39 -20.69 30.38 15.67
C THR B 39 -21.34 31.27 14.60
N GLU B 40 -20.66 32.37 14.26
CA GLU B 40 -21.09 33.30 13.22
C GLU B 40 -21.21 32.61 11.85
N ALA B 41 -20.13 31.94 11.46
CA ALA B 41 -20.02 31.35 10.12
C ALA B 41 -20.89 30.10 9.94
N LYS B 42 -20.93 29.23 10.96
CA LYS B 42 -21.74 28.01 10.95
C LYS B 42 -23.22 28.27 10.65
N GLU B 43 -23.76 29.33 11.25
CA GLU B 43 -25.17 29.70 11.07
C GLU B 43 -25.47 30.24 9.68
N GLY B 44 -24.52 30.98 9.12
CA GLY B 44 -24.65 31.52 7.76
C GLY B 44 -24.61 30.45 6.69
N LEU B 45 -23.85 29.40 6.95
CA LEU B 45 -23.73 28.28 6.01
C LEU B 45 -25.00 27.41 6.01
N LYS B 46 -25.56 27.16 7.19
CA LYS B 46 -26.83 26.45 7.32
C LYS B 46 -27.95 27.26 6.68
N ARG B 47 -27.89 28.57 6.86
CA ARG B 47 -28.83 29.53 6.26
C ARG B 47 -28.74 29.57 4.73
N GLY B 48 -27.58 29.18 4.19
CA GLY B 48 -27.39 29.06 2.74
C GLY B 48 -26.56 30.15 2.08
N GLU B 49 -25.95 31.01 2.89
CA GLU B 49 -25.11 32.12 2.39
C GLU B 49 -23.81 31.60 1.81
N THR B 50 -23.31 32.28 0.78
CA THR B 50 -22.10 31.82 0.07
C THR B 50 -20.97 32.86 0.02
N THR B 51 -21.16 33.97 0.73
CA THR B 51 -20.16 35.05 0.76
C THR B 51 -19.68 35.32 2.19
N HIS B 52 -18.49 35.93 2.29
CA HIS B 52 -17.88 36.33 3.56
C HIS B 52 -17.35 35.18 4.42
N HIS B 53 -18.16 34.13 4.59
CA HIS B 53 -17.83 33.05 5.51
C HIS B 53 -16.76 32.11 4.99
N ALA B 54 -15.89 31.70 5.90
CA ALA B 54 -14.93 30.63 5.63
C ALA B 54 -15.66 29.31 5.77
N VAL B 55 -15.38 28.40 4.84
CA VAL B 55 -16.01 27.09 4.77
C VAL B 55 -15.65 26.16 5.94
N SER B 56 -14.45 26.30 6.48
CA SER B 56 -14.00 25.51 7.63
C SER B 56 -12.98 26.29 8.46
N ARG B 57 -12.49 25.68 9.54
CA ARG B 57 -11.48 26.28 10.39
C ARG B 57 -10.14 26.35 9.66
N GLY B 58 -10.06 25.65 8.54
CA GLY B 58 -8.84 25.56 7.75
C GLY B 58 -8.36 26.88 7.17
N SER B 59 -9.29 27.77 6.82
CA SER B 59 -8.93 29.07 6.29
C SER B 59 -8.07 29.86 7.28
N ALA B 60 -8.45 29.81 8.55
CA ALA B 60 -7.73 30.51 9.59
C ALA B 60 -6.41 29.82 9.94
N LYS B 61 -6.36 28.52 9.69
CA LYS B 61 -5.14 27.76 9.96
C LYS B 61 -4.07 28.11 8.94
N LEU B 62 -4.46 28.24 7.67
CA LEU B 62 -3.52 28.59 6.61
C LEU B 62 -3.05 30.02 6.79
N GLN B 63 -3.97 30.93 7.10
CA GLN B 63 -3.63 32.34 7.31
C GLN B 63 -2.47 32.49 8.28
N TRP B 64 -2.47 31.70 9.36
CA TRP B 64 -1.43 31.75 10.37
C TRP B 64 -0.02 31.61 9.78
N PHE B 65 0.13 30.75 8.78
CA PHE B 65 1.40 30.60 8.07
C PHE B 65 1.67 31.77 7.13
N VAL B 66 0.64 32.14 6.36
CA VAL B 66 0.74 33.23 5.39
C VAL B 66 1.14 34.55 6.05
N GLU B 67 0.45 34.91 7.14
CA GLU B 67 0.78 36.08 7.97
C GLU B 67 2.26 36.15 8.36
N ARG B 68 2.89 34.98 8.48
CA ARG B 68 4.28 34.90 8.93
C ARG B 68 5.30 34.68 7.82
N ASN B 69 4.85 34.76 6.57
CA ASN B 69 5.70 34.55 5.39
C ASN B 69 6.28 33.14 5.28
N MET B 70 5.65 32.19 5.94
CA MET B 70 6.12 30.80 5.94
C MET B 70 5.75 30.10 4.63
N VAL B 71 4.52 30.33 4.18
CA VAL B 71 4.11 29.99 2.80
C VAL B 71 3.71 31.30 2.11
N ILE B 72 4.13 31.46 0.87
CA ILE B 72 3.69 32.57 0.04
C ILE B 72 2.99 32.04 -1.20
N PRO B 73 1.65 31.87 -1.14
CA PRO B 73 0.93 31.31 -2.29
C PRO B 73 0.99 32.22 -3.53
N GLU B 74 1.47 31.67 -4.64
CA GLU B 74 1.62 32.40 -5.90
C GLU B 74 1.00 31.65 -7.08
N GLY B 75 0.77 32.37 -8.17
CA GLY B 75 0.30 31.79 -9.43
C GLY B 75 -0.60 30.59 -9.30
N ARG B 76 -0.14 29.46 -9.80
CA ARG B 76 -0.92 28.23 -9.81
C ARG B 76 -0.79 27.43 -8.51
N VAL B 77 -1.86 27.47 -7.71
CA VAL B 77 -1.92 26.78 -6.42
C VAL B 77 -2.61 25.43 -6.57
N ILE B 78 -1.91 24.37 -6.18
CA ILE B 78 -2.51 23.03 -6.15
C ILE B 78 -2.67 22.57 -4.71
N ASP B 79 -3.89 22.19 -4.36
CA ASP B 79 -4.23 21.86 -2.98
C ASP B 79 -4.70 20.41 -2.85
N LEU B 80 -3.78 19.54 -2.43
CA LEU B 80 -4.07 18.11 -2.27
C LEU B 80 -4.84 17.85 -0.98
N GLY B 81 -5.97 17.16 -1.10
CA GLY B 81 -6.87 16.91 0.03
C GLY B 81 -7.58 18.18 0.49
N CYS B 82 -8.26 18.84 -0.44
CA CYS B 82 -8.85 20.15 -0.17
C CYS B 82 -10.11 20.09 0.70
N GLY B 83 -10.77 18.92 0.73
CA GLY B 83 -12.00 18.74 1.49
C GLY B 83 -13.10 19.72 1.10
N ARG B 84 -13.65 20.40 2.11
CA ARG B 84 -14.71 21.39 1.91
C ARG B 84 -14.27 22.60 1.07
N GLY B 85 -12.98 22.92 1.12
CA GLY B 85 -12.42 23.98 0.28
C GLY B 85 -11.72 25.09 1.03
N GLY B 86 -11.56 24.92 2.35
CA GLY B 86 -11.01 25.96 3.24
C GLY B 86 -9.74 26.65 2.80
N TRP B 87 -8.74 25.86 2.43
CA TRP B 87 -7.45 26.37 1.99
C TRP B 87 -7.52 26.98 0.60
N SER B 88 -8.33 26.38 -0.26
CA SER B 88 -8.48 26.81 -1.65
C SER B 88 -9.12 28.19 -1.76
N TYR B 89 -10.21 28.39 -1.03
CA TYR B 89 -10.94 29.65 -1.06
C TYR B 89 -10.17 30.80 -0.42
N TYR B 90 -9.37 30.49 0.59
CA TYR B 90 -8.51 31.50 1.22
C TYR B 90 -7.48 32.02 0.22
N CYS B 91 -6.77 31.10 -0.42
CA CYS B 91 -5.76 31.44 -1.42
C CYS B 91 -6.32 32.25 -2.59
N ALA B 92 -7.55 31.92 -3.00
CA ALA B 92 -8.21 32.57 -4.11
C ALA B 92 -8.25 34.10 -3.97
N GLY B 93 -8.30 34.57 -2.72
CA GLY B 93 -8.35 35.99 -2.41
C GLY B 93 -7.00 36.68 -2.27
N LEU B 94 -5.91 35.92 -2.46
CA LEU B 94 -4.55 36.47 -2.32
C LEU B 94 -4.04 37.06 -3.61
N LYS B 95 -3.34 38.20 -3.50
CA LYS B 95 -2.89 38.99 -4.63
C LYS B 95 -2.08 38.25 -5.69
N LYS B 96 -1.16 37.39 -5.25
CA LYS B 96 -0.21 36.75 -6.15
C LYS B 96 -0.74 35.47 -6.82
N VAL B 97 -1.81 34.92 -6.27
CA VAL B 97 -2.43 33.69 -6.78
C VAL B 97 -3.20 33.98 -8.08
N THR B 98 -3.03 33.13 -9.09
CA THR B 98 -3.73 33.29 -10.36
C THR B 98 -4.80 32.21 -10.61
N GLU B 99 -4.52 30.98 -10.16
CA GLU B 99 -5.48 29.89 -10.27
C GLU B 99 -5.32 28.88 -9.12
N VAL B 100 -6.42 28.29 -8.70
CA VAL B 100 -6.41 27.30 -7.63
C VAL B 100 -7.06 26.00 -8.13
N ARG B 101 -6.38 24.89 -7.92
CA ARG B 101 -6.92 23.57 -8.21
C ARG B 101 -6.91 22.71 -6.96
N GLY B 102 -8.10 22.39 -6.45
CA GLY B 102 -8.23 21.51 -5.30
C GLY B 102 -8.61 20.10 -5.72
N TYR B 103 -8.07 19.10 -5.02
CA TYR B 103 -8.39 17.71 -5.26
C TYR B 103 -8.68 17.03 -3.94
N THR B 104 -9.79 16.30 -3.88
CA THR B 104 -10.16 15.60 -2.66
C THR B 104 -10.80 14.24 -2.91
N LYS B 105 -10.86 13.43 -1.86
CA LYS B 105 -11.34 12.06 -1.93
C LYS B 105 -12.85 11.98 -2.16
N GLY B 106 -13.61 12.64 -1.30
CA GLY B 106 -15.07 12.60 -1.36
C GLY B 106 -15.63 11.23 -1.05
N GLY B 107 -16.86 10.97 -1.49
CA GLY B 107 -17.56 9.73 -1.18
C GLY B 107 -18.24 9.82 0.17
N PRO B 108 -19.09 8.83 0.50
CA PRO B 108 -19.79 8.81 1.78
C PRO B 108 -18.85 8.89 2.99
N GLY B 109 -19.24 9.70 3.97
CA GLY B 109 -18.48 9.85 5.22
C GLY B 109 -17.21 10.67 5.07
N HIS B 110 -16.98 11.19 3.86
CA HIS B 110 -15.83 12.04 3.60
C HIS B 110 -16.27 13.37 3.03
N GLU B 111 -15.57 14.43 3.45
CA GLU B 111 -15.94 15.82 3.19
C GLU B 111 -16.00 16.15 1.69
N GLU B 112 -17.14 16.67 1.27
CA GLU B 112 -17.34 17.06 -0.13
C GLU B 112 -17.12 18.58 -0.31
N PRO B 113 -16.50 18.99 -1.44
CA PRO B 113 -16.28 20.42 -1.73
C PRO B 113 -17.59 21.23 -1.69
N VAL B 114 -17.50 22.44 -1.16
CA VAL B 114 -18.66 23.32 -1.00
C VAL B 114 -18.54 24.53 -1.93
N PRO B 115 -19.54 24.72 -2.82
CA PRO B 115 -19.57 25.86 -3.74
C PRO B 115 -19.74 27.18 -3.00
N MET B 116 -18.82 28.11 -3.24
CA MET B 116 -18.83 29.40 -2.56
C MET B 116 -18.63 30.53 -3.56
N SER B 117 -19.01 31.74 -3.14
CA SER B 117 -18.81 32.92 -3.96
C SER B 117 -18.07 34.03 -3.20
N THR B 118 -17.14 33.59 -2.36
CA THR B 118 -16.20 34.50 -1.69
C THR B 118 -15.23 35.06 -2.72
N TYR B 119 -14.48 36.08 -2.32
CA TYR B 119 -13.58 36.79 -3.25
C TYR B 119 -12.61 35.85 -3.96
N GLY B 120 -12.72 35.81 -5.29
CA GLY B 120 -11.82 35.03 -6.13
C GLY B 120 -12.33 33.64 -6.47
N TRP B 121 -13.59 33.35 -6.14
CA TRP B 121 -14.19 32.04 -6.37
C TRP B 121 -14.05 31.55 -7.81
N ASN B 122 -14.00 32.48 -8.74
CA ASN B 122 -14.00 32.17 -10.16
C ASN B 122 -12.68 31.62 -10.70
N ILE B 123 -11.61 31.70 -9.91
CA ILE B 123 -10.33 31.11 -10.31
C ILE B 123 -10.08 29.77 -9.60
N VAL B 124 -11.09 29.29 -8.89
CA VAL B 124 -11.02 28.05 -8.13
C VAL B 124 -11.79 26.94 -8.83
N LYS B 125 -11.18 25.76 -8.92
CA LYS B 125 -11.86 24.55 -9.38
C LYS B 125 -11.56 23.42 -8.40
N LEU B 126 -12.60 22.93 -7.73
CA LEU B 126 -12.45 21.81 -6.81
C LEU B 126 -13.08 20.57 -7.42
N MET B 127 -12.28 19.53 -7.64
CA MET B 127 -12.82 18.23 -8.07
C MET B 127 -12.75 17.20 -6.97
N SER B 128 -13.88 16.53 -6.74
CA SER B 128 -14.02 15.47 -5.77
C SER B 128 -13.85 14.15 -6.50
N GLY B 129 -13.85 13.05 -5.73
CA GLY B 129 -13.70 11.71 -6.28
C GLY B 129 -12.31 11.47 -6.84
N LYS B 130 -11.31 12.02 -6.15
CA LYS B 130 -9.93 11.97 -6.63
C LYS B 130 -8.97 11.50 -5.53
N ASP B 131 -8.54 10.24 -5.62
CA ASP B 131 -7.52 9.72 -4.70
C ASP B 131 -6.16 10.23 -5.15
N VAL B 132 -5.55 11.04 -4.29
CA VAL B 132 -4.40 11.84 -4.66
C VAL B 132 -3.12 11.02 -4.91
N PHE B 133 -3.04 9.83 -4.32
CA PHE B 133 -1.90 8.93 -4.53
C PHE B 133 -1.80 8.41 -5.97
N TYR B 134 -2.81 8.73 -6.78
CA TYR B 134 -2.87 8.26 -8.16
C TYR B 134 -3.02 9.42 -9.14
N LEU B 135 -2.86 10.63 -8.63
CA LEU B 135 -2.93 11.85 -9.41
C LEU B 135 -1.55 12.13 -9.98
N PRO B 136 -1.38 12.09 -11.31
CA PRO B 136 -0.06 12.40 -11.87
C PRO B 136 0.39 13.82 -11.52
N PRO B 137 1.64 13.97 -11.04
CA PRO B 137 2.15 15.29 -10.66
C PRO B 137 2.21 16.25 -11.84
N GLU B 138 1.86 17.51 -11.58
CA GLU B 138 1.87 18.56 -12.58
C GLU B 138 2.79 19.69 -12.13
N LYS B 139 3.14 20.58 -13.06
CA LYS B 139 3.85 21.80 -12.70
C LYS B 139 2.91 22.81 -12.04
N CYS B 140 3.35 23.35 -10.90
CA CYS B 140 2.58 24.34 -10.16
C CYS B 140 3.51 25.27 -9.38
N ASP B 141 3.02 26.44 -9.01
CA ASP B 141 3.82 27.44 -8.33
C ASP B 141 3.80 27.26 -6.81
N THR B 142 2.73 26.69 -6.30
CA THR B 142 2.61 26.39 -4.88
C THR B 142 1.81 25.10 -4.63
N LEU B 143 2.33 24.28 -3.72
CA LEU B 143 1.76 22.98 -3.42
C LEU B 143 1.28 22.92 -1.96
N LEU B 144 -0.02 22.72 -1.77
CA LEU B 144 -0.60 22.62 -0.44
C LEU B 144 -1.15 21.22 -0.21
N CYS B 145 -0.86 20.67 0.97
CA CYS B 145 -1.27 19.31 1.29
C CYS B 145 -1.64 19.15 2.76
N ASP B 146 -2.89 18.75 3.02
CA ASP B 146 -3.39 18.59 4.38
C ASP B 146 -3.87 17.16 4.66
N ILE B 147 -3.39 16.20 3.87
CA ILE B 147 -3.74 14.79 4.03
C ILE B 147 -3.05 14.19 5.26
N GLY B 148 -3.70 13.24 5.93
CA GLY B 148 -3.08 12.50 7.03
C GLY B 148 -4.00 12.22 8.20
N GLU B 149 -4.45 10.97 8.33
CA GLU B 149 -5.43 10.59 9.35
C GLU B 149 -4.79 10.01 10.60
N SER B 150 -5.21 10.51 11.77
CA SER B 150 -4.73 10.06 13.06
C SER B 150 -5.01 8.58 13.34
N SER B 151 -4.23 8.00 14.25
CA SER B 151 -4.40 6.64 14.72
C SER B 151 -3.84 6.55 16.14
N PRO B 152 -4.48 5.75 17.02
CA PRO B 152 -3.93 5.59 18.37
C PRO B 152 -2.60 4.85 18.35
N SER B 153 -2.33 4.13 17.27
CA SER B 153 -1.06 3.47 17.05
C SER B 153 -0.08 4.42 16.34
N PRO B 154 1.07 4.71 16.99
CA PRO B 154 2.06 5.60 16.37
C PRO B 154 2.78 4.98 15.16
N THR B 155 2.90 3.65 15.13
CA THR B 155 3.53 2.97 13.99
C THR B 155 2.61 2.98 12.76
N VAL B 156 1.30 3.01 13.01
CA VAL B 156 0.32 3.12 11.92
C VAL B 156 0.35 4.53 11.33
N GLU B 157 0.38 5.53 12.20
CA GLU B 157 0.52 6.93 11.78
C GLU B 157 1.82 7.12 11.02
N GLU B 158 2.89 6.49 11.52
CA GLU B 158 4.21 6.51 10.89
C GLU B 158 4.18 6.14 9.40
N SER B 159 3.56 5.00 9.08
CA SER B 159 3.54 4.54 7.70
C SER B 159 2.61 5.40 6.83
N ARG B 160 1.53 5.89 7.43
CA ARG B 160 0.60 6.81 6.74
C ARG B 160 1.31 8.10 6.37
N THR B 161 2.12 8.58 7.31
CA THR B 161 2.86 9.82 7.16
C THR B 161 3.98 9.70 6.11
N ILE B 162 4.62 8.53 6.02
CA ILE B 162 5.70 8.28 5.07
C ILE B 162 5.16 8.14 3.65
N ARG B 163 3.98 7.52 3.54
CA ARG B 163 3.30 7.35 2.26
C ARG B 163 2.91 8.71 1.67
N VAL B 164 2.49 9.64 2.53
CA VAL B 164 2.18 11.01 2.13
C VAL B 164 3.44 11.69 1.63
N LEU B 165 4.52 11.60 2.42
CA LEU B 165 5.80 12.21 2.08
C LEU B 165 6.35 11.72 0.75
N LYS B 166 6.16 10.43 0.47
CA LYS B 166 6.59 9.86 -0.80
C LYS B 166 5.79 10.38 -2.00
N MET B 167 4.48 10.57 -1.86
CA MET B 167 3.67 11.05 -2.98
C MET B 167 3.82 12.53 -3.23
N VAL B 168 4.06 13.28 -2.15
CA VAL B 168 4.18 14.72 -2.22
C VAL B 168 5.49 15.15 -2.88
N GLU B 169 6.54 14.35 -2.69
CA GLU B 169 7.88 14.70 -3.17
C GLU B 169 7.96 15.12 -4.65
N PRO B 170 7.49 14.24 -5.58
CA PRO B 170 7.61 14.59 -7.01
C PRO B 170 6.84 15.85 -7.44
N TRP B 171 5.99 16.39 -6.57
CA TRP B 171 5.30 17.64 -6.85
C TRP B 171 6.17 18.87 -6.58
N LEU B 172 7.26 18.69 -5.84
CA LEU B 172 8.11 19.80 -5.38
C LEU B 172 9.31 20.04 -6.28
N LYS B 173 9.43 21.27 -6.79
CA LYS B 173 10.52 21.62 -7.70
C LYS B 173 11.10 23.01 -7.38
N ASN B 174 10.40 24.06 -7.79
CA ASN B 174 10.82 25.43 -7.49
C ASN B 174 9.62 26.20 -6.97
N ASN B 175 8.96 25.62 -5.98
CA ASN B 175 7.68 26.13 -5.53
C ASN B 175 7.56 26.34 -4.03
N GLN B 176 6.57 27.13 -3.66
CA GLN B 176 6.17 27.29 -2.28
C GLN B 176 5.39 26.05 -1.88
N PHE B 177 5.54 25.61 -0.63
CA PHE B 177 4.77 24.47 -0.15
C PHE B 177 4.39 24.57 1.32
N CYS B 178 3.33 23.86 1.66
CA CYS B 178 2.87 23.72 3.03
C CYS B 178 2.22 22.34 3.18
N ILE B 179 2.99 21.41 3.73
CA ILE B 179 2.59 20.00 3.77
C ILE B 179 2.40 19.55 5.21
N LYS B 180 1.23 19.00 5.50
CA LYS B 180 0.94 18.43 6.82
C LYS B 180 1.75 17.15 7.04
N VAL B 181 2.49 17.13 8.15
CA VAL B 181 3.23 15.96 8.57
C VAL B 181 2.58 15.44 9.85
N LEU B 182 1.78 14.38 9.71
CA LEU B 182 0.93 13.89 10.79
C LEU B 182 1.72 13.46 12.03
N ASN B 183 2.75 12.65 11.81
CA ASN B 183 3.55 12.09 12.88
C ASN B 183 5.03 12.32 12.62
N PRO B 184 5.60 13.38 13.20
CA PRO B 184 6.99 13.74 12.91
C PRO B 184 7.99 13.24 13.95
N TYR B 185 7.53 12.58 15.01
CA TYR B 185 8.42 12.20 16.10
C TYR B 185 8.98 10.78 15.97
N MET B 186 8.34 9.94 15.17
CA MET B 186 8.78 8.57 14.96
C MET B 186 10.13 8.54 14.22
N PRO B 187 11.04 7.63 14.65
CA PRO B 187 12.41 7.52 14.11
C PRO B 187 12.55 7.52 12.59
N THR B 188 11.81 6.69 11.86
CA THR B 188 11.98 6.61 10.41
C THR B 188 11.37 7.80 9.64
N VAL B 189 10.40 8.48 10.25
CA VAL B 189 9.88 9.73 9.70
C VAL B 189 10.94 10.82 9.77
N ILE B 190 11.71 10.81 10.86
CA ILE B 190 12.78 11.77 11.07
C ILE B 190 13.90 11.60 10.04
N GLU B 191 14.19 10.35 9.66
CA GLU B 191 15.15 10.06 8.61
C GLU B 191 14.70 10.58 7.25
N HIS B 192 13.40 10.45 6.97
CA HIS B 192 12.84 10.88 5.70
C HIS B 192 12.77 12.40 5.59
N LEU B 193 12.27 13.03 6.65
CA LEU B 193 12.16 14.48 6.70
C LEU B 193 13.52 15.15 6.54
N GLU B 194 14.55 14.53 7.11
CA GLU B 194 15.92 15.01 6.97
C GLU B 194 16.38 15.01 5.51
N ARG B 195 16.18 13.88 4.83
CA ARG B 195 16.56 13.75 3.43
C ARG B 195 15.79 14.70 2.53
N LEU B 196 14.55 15.01 2.93
CA LEU B 196 13.69 15.92 2.18
C LEU B 196 14.11 17.37 2.33
N GLN B 197 14.38 17.78 3.56
CA GLN B 197 14.85 19.14 3.85
C GLN B 197 16.16 19.41 3.13
N ARG B 198 17.01 18.38 3.07
CA ARG B 198 18.27 18.45 2.38
C ARG B 198 18.07 18.78 0.90
N LYS B 199 17.04 18.18 0.30
CA LYS B 199 16.70 18.39 -1.10
C LYS B 199 15.92 19.68 -1.36
N HIS B 200 14.86 19.90 -0.59
CA HIS B 200 13.89 20.94 -0.91
C HIS B 200 13.88 22.09 0.09
N GLY B 201 14.73 22.01 1.10
CA GLY B 201 14.82 23.03 2.14
C GLY B 201 13.58 23.07 3.00
N GLY B 202 13.33 24.21 3.62
CA GLY B 202 12.13 24.41 4.42
C GLY B 202 12.32 24.06 5.88
N MET B 203 11.23 24.10 6.65
CA MET B 203 11.29 23.80 8.07
CA MET B 203 11.28 23.82 8.08
C MET B 203 9.94 23.28 8.59
N LEU B 204 9.99 22.59 9.73
CA LEU B 204 8.79 22.07 10.39
C LEU B 204 8.27 23.05 11.43
N VAL B 205 6.96 23.29 11.43
CA VAL B 205 6.37 24.29 12.30
C VAL B 205 5.12 23.76 12.99
N ARG B 206 4.90 24.22 14.22
CA ARG B 206 3.68 23.94 14.97
C ARG B 206 2.71 25.08 14.77
N ASN B 207 1.49 24.74 14.39
CA ASN B 207 0.38 25.69 14.32
C ASN B 207 -0.35 25.69 15.68
N PRO B 208 -0.52 26.88 16.29
CA PRO B 208 -1.19 27.05 17.59
C PRO B 208 -2.67 26.65 17.58
N LEU B 209 -3.25 26.61 16.39
CA LEU B 209 -4.66 26.25 16.20
C LEU B 209 -4.85 24.73 16.20
N SER B 210 -3.75 23.99 16.22
CA SER B 210 -3.79 22.53 16.34
C SER B 210 -4.18 22.15 17.76
N ARG B 211 -4.93 21.05 17.89
CA ARG B 211 -5.32 20.54 19.20
C ARG B 211 -4.16 19.82 19.87
N ASN B 212 -4.25 19.65 21.19
CA ASN B 212 -3.20 18.97 21.94
C ASN B 212 -3.17 17.47 21.74
N SER B 213 -4.24 16.92 21.14
CA SER B 213 -4.36 15.49 20.90
C SER B 213 -3.68 15.02 19.60
N THR B 214 -3.15 15.97 18.84
CA THR B 214 -2.39 15.68 17.63
C THR B 214 -0.98 16.26 17.73
N HIS B 215 0.02 15.53 17.24
CA HIS B 215 1.40 16.01 17.22
C HIS B 215 1.72 16.65 15.87
N GLU B 216 0.68 16.78 15.04
CA GLU B 216 0.69 17.55 13.79
C GLU B 216 1.76 18.62 13.68
N MET B 217 2.50 18.57 12.59
CA MET B 217 3.40 19.66 12.22
C MET B 217 3.38 19.89 10.72
N TYR B 218 3.74 21.10 10.30
CA TYR B 218 3.68 21.45 8.90
C TYR B 218 5.06 21.72 8.33
N TRP B 219 5.38 21.04 7.24
CA TRP B 219 6.61 21.30 6.50
C TRP B 219 6.34 22.44 5.54
N ILE B 220 7.01 23.56 5.79
CA ILE B 220 6.79 24.79 5.03
C ILE B 220 8.04 25.15 4.26
N SER B 221 7.88 25.88 3.15
CA SER B 221 9.01 26.15 2.27
C SER B 221 9.95 27.25 2.77
N ASN B 222 9.40 28.30 3.36
CA ASN B 222 10.20 29.48 3.74
C ASN B 222 10.68 29.47 5.19
N GLY B 223 11.73 28.70 5.43
CA GLY B 223 12.28 28.56 6.75
C GLY B 223 13.47 27.63 6.74
N THR B 224 14.16 27.56 7.87
CA THR B 224 15.30 26.68 8.04
C THR B 224 15.48 26.38 9.52
N GLY B 225 16.06 25.22 9.81
CA GLY B 225 16.37 24.86 11.19
C GLY B 225 16.57 23.38 11.37
N ASN B 226 16.94 22.98 12.59
CA ASN B 226 17.09 21.57 12.93
C ASN B 226 15.73 20.97 13.24
N ILE B 227 15.23 20.09 12.37
CA ILE B 227 13.92 19.47 12.56
C ILE B 227 13.83 18.63 13.83
N VAL B 228 14.96 18.02 14.22
CA VAL B 228 14.98 17.18 15.41
C VAL B 228 14.61 18.00 16.64
N SER B 229 15.27 19.15 16.80
CA SER B 229 15.00 20.00 17.95
C SER B 229 13.63 20.66 17.90
N SER B 230 13.17 21.05 16.72
CA SER B 230 11.85 21.66 16.62
C SER B 230 10.70 20.67 16.86
N VAL B 231 10.89 19.41 16.48
CA VAL B 231 9.92 18.35 16.81
C VAL B 231 9.91 18.12 18.31
N ASN B 232 11.09 18.10 18.92
CA ASN B 232 11.23 17.85 20.35
C ASN B 232 10.67 18.94 21.24
N MET B 233 10.63 20.17 20.75
CA MET B 233 10.06 21.27 21.52
C MET B 233 8.56 21.12 21.66
N VAL B 234 7.93 20.69 20.57
CA VAL B 234 6.50 20.39 20.54
C VAL B 234 6.16 19.26 21.50
N SER B 235 7.00 18.23 21.53
CA SER B 235 6.83 17.11 22.45
C SER B 235 6.86 17.55 23.91
N ARG B 236 7.84 18.39 24.26
CA ARG B 236 7.93 18.92 25.61
C ARG B 236 6.73 19.81 25.93
N LEU B 237 6.33 20.60 24.93
CA LEU B 237 5.19 21.50 25.04
C LEU B 237 3.93 20.72 25.36
N LEU B 238 3.66 19.67 24.58
CA LEU B 238 2.49 18.83 24.77
C LEU B 238 2.55 17.98 26.04
N LEU B 239 3.76 17.59 26.45
CA LEU B 239 3.95 16.84 27.69
C LEU B 239 3.70 17.72 28.91
N ASN B 240 4.10 18.98 28.82
CA ASN B 240 3.89 19.95 29.90
C ASN B 240 2.42 20.25 30.15
N ARG B 241 1.62 20.19 29.08
CA ARG B 241 0.21 20.51 29.14
C ARG B 241 -0.63 19.42 29.84
N PHE B 242 -0.01 18.28 30.13
CA PHE B 242 -0.65 17.23 30.91
C PHE B 242 -0.79 17.67 32.37
N THR B 243 0.30 18.13 32.96
CA THR B 243 0.35 18.51 34.38
C THR B 243 -0.14 19.93 34.66
N MET B 244 0.07 20.83 33.71
CA MET B 244 -0.45 22.20 33.81
C MET B 244 -1.95 22.22 34.07
N THR B 245 -2.38 23.11 34.95
CA THR B 245 -3.81 23.28 35.25
C THR B 245 -4.56 23.77 34.02
N HIS B 246 -5.75 23.22 33.80
CA HIS B 246 -6.52 23.50 32.59
C HIS B 246 -6.69 24.99 32.30
N ARG B 247 -6.40 25.37 31.06
CA ARG B 247 -6.58 26.73 30.57
C ARG B 247 -7.66 26.77 29.49
N ARG B 248 -8.45 27.83 29.50
CA ARG B 248 -9.45 28.06 28.46
C ARG B 248 -8.74 28.39 27.15
N PRO B 249 -9.30 27.95 26.01
CA PRO B 249 -8.73 28.31 24.71
C PRO B 249 -8.82 29.80 24.43
N THR B 250 -7.79 30.36 23.82
CA THR B 250 -7.79 31.75 23.38
C THR B 250 -8.63 31.85 22.12
N ILE B 251 -9.79 32.49 22.24
CA ILE B 251 -10.70 32.64 21.09
C ILE B 251 -10.33 33.86 20.24
N GLU B 252 -10.16 33.62 18.94
CA GLU B 252 -9.91 34.67 17.97
C GLU B 252 -11.08 34.78 17.00
N LYS B 253 -11.14 35.89 16.27
CA LYS B 253 -12.17 36.08 15.26
C LYS B 253 -11.81 35.33 13.96
N ASP B 254 -12.83 34.83 13.28
CA ASP B 254 -12.65 34.06 12.05
C ASP B 254 -12.29 34.97 10.87
N VAL B 255 -11.82 34.37 9.79
CA VAL B 255 -11.45 35.09 8.58
C VAL B 255 -12.69 35.58 7.83
N ASP B 256 -12.66 36.84 7.39
CA ASP B 256 -13.66 37.34 6.46
C ASP B 256 -13.09 37.25 5.05
N LEU B 257 -13.69 36.42 4.21
CA LEU B 257 -13.16 36.15 2.88
C LEU B 257 -13.82 36.98 1.78
N GLY B 258 -14.77 37.83 2.17
CA GLY B 258 -15.39 38.79 1.26
C GLY B 258 -16.27 38.21 0.17
N ALA B 259 -16.32 38.91 -0.96
CA ALA B 259 -17.19 38.55 -2.09
C ALA B 259 -16.60 39.06 -3.40
N GLY B 260 -17.18 38.63 -4.53
CA GLY B 260 -16.79 39.14 -5.84
C GLY B 260 -15.83 38.27 -6.63
N THR B 261 -15.63 38.64 -7.90
CA THR B 261 -14.80 37.88 -8.83
C THR B 261 -13.42 38.51 -9.05
N ARG B 262 -12.58 37.83 -9.82
CA ARG B 262 -11.22 38.29 -10.10
C ARG B 262 -10.82 38.15 -11.58
N HIS B 263 -9.71 38.77 -11.95
CA HIS B 263 -9.17 38.70 -13.31
C HIS B 263 -8.61 37.31 -13.63
N GLN C 5 -29.97 -28.82 -7.65
CA GLN C 5 -30.51 -28.95 -9.04
C GLN C 5 -31.39 -27.74 -9.39
N GLY C 6 -32.26 -27.89 -10.40
CA GLY C 6 -33.20 -26.84 -10.81
C GLY C 6 -32.56 -25.52 -11.20
N GLU C 7 -31.51 -25.58 -12.00
CA GLU C 7 -30.79 -24.41 -12.46
C GLU C 7 -31.63 -23.63 -13.48
N THR C 8 -31.82 -22.35 -13.21
CA THR C 8 -32.59 -21.45 -14.07
C THR C 8 -31.84 -21.11 -15.36
N LEU C 9 -32.56 -20.67 -16.39
CA LEU C 9 -31.95 -20.29 -17.67
C LEU C 9 -31.02 -19.09 -17.58
N GLY C 10 -31.32 -18.16 -16.69
CA GLY C 10 -30.44 -17.02 -16.43
C GLY C 10 -29.12 -17.47 -15.83
N GLU C 11 -29.19 -18.44 -14.93
CA GLU C 11 -28.00 -19.03 -14.33
C GLU C 11 -27.17 -19.78 -15.37
N LYS C 12 -27.85 -20.41 -16.33
CA LYS C 12 -27.19 -21.11 -17.42
C LYS C 12 -26.48 -20.12 -18.34
N TRP C 13 -27.10 -18.96 -18.55
CA TRP C 13 -26.51 -17.87 -19.32
C TRP C 13 -25.28 -17.30 -18.63
N LYS C 14 -25.39 -17.06 -17.32
CA LYS C 14 -24.27 -16.54 -16.53
C LYS C 14 -23.01 -17.40 -16.55
N LYS C 15 -23.19 -18.72 -16.49
CA LYS C 15 -22.05 -19.64 -16.54
C LYS C 15 -21.37 -19.61 -17.89
N LYS C 16 -22.17 -19.55 -18.96
CA LYS C 16 -21.63 -19.45 -20.32
C LYS C 16 -20.97 -18.10 -20.56
N LEU C 17 -21.56 -17.04 -19.99
CA LEU C 17 -21.02 -15.68 -20.05
C LEU C 17 -19.62 -15.62 -19.44
N ASN C 18 -19.49 -16.15 -18.23
CA ASN C 18 -18.22 -16.15 -17.49
C ASN C 18 -17.13 -16.95 -18.17
N GLN C 19 -17.50 -18.07 -18.77
CA GLN C 19 -16.54 -18.97 -19.39
C GLN C 19 -16.15 -18.51 -20.80
N LEU C 20 -16.43 -17.25 -21.12
CA LEU C 20 -16.04 -16.68 -22.40
C LEU C 20 -14.68 -16.00 -22.32
N SER C 21 -13.88 -16.19 -23.38
CA SER C 21 -12.61 -15.48 -23.52
C SER C 21 -12.88 -14.00 -23.80
N ARG C 22 -11.82 -13.19 -23.79
CA ARG C 22 -11.97 -11.73 -23.95
C ARG C 22 -12.35 -11.29 -25.36
N LYS C 23 -11.80 -11.96 -26.38
CA LYS C 23 -12.18 -11.71 -27.77
C LYS C 23 -13.65 -12.02 -27.94
N GLU C 24 -14.05 -13.20 -27.50
CA GLU C 24 -15.44 -13.68 -27.55
C GLU C 24 -16.38 -12.72 -26.81
N PHE C 25 -15.96 -12.30 -25.62
CA PHE C 25 -16.78 -11.45 -24.76
C PHE C 25 -17.10 -10.09 -25.38
N ASP C 26 -16.13 -9.51 -26.06
CA ASP C 26 -16.31 -8.20 -26.69
C ASP C 26 -17.15 -8.28 -27.96
N LEU C 27 -17.13 -9.44 -28.62
CA LEU C 27 -18.02 -9.72 -29.74
C LEU C 27 -19.46 -9.89 -29.25
N TYR C 28 -19.63 -10.74 -28.25
CA TYR C 28 -20.95 -11.10 -27.74
C TYR C 28 -21.71 -9.92 -27.15
N LYS C 29 -21.05 -9.15 -26.28
CA LYS C 29 -21.73 -8.10 -25.53
C LYS C 29 -22.43 -7.04 -26.38
N LYS C 30 -22.02 -6.93 -27.64
CA LYS C 30 -22.60 -5.94 -28.53
C LYS C 30 -23.34 -6.55 -29.72
N SER C 31 -23.32 -7.87 -29.83
CA SER C 31 -23.96 -8.59 -30.93
C SER C 31 -25.47 -8.40 -30.98
N GLY C 32 -25.94 -7.67 -31.99
CA GLY C 32 -27.37 -7.51 -32.24
C GLY C 32 -28.14 -6.53 -31.37
N ILE C 33 -27.42 -5.77 -30.54
CA ILE C 33 -28.06 -4.76 -29.70
C ILE C 33 -28.27 -3.47 -30.48
N THR C 34 -28.96 -2.51 -29.87
CA THR C 34 -29.00 -1.15 -30.43
C THR C 34 -28.11 -0.24 -29.59
N GLU C 35 -27.44 0.70 -30.26
CA GLU C 35 -26.42 1.52 -29.63
C GLU C 35 -26.54 2.96 -30.12
N VAL C 36 -26.33 3.90 -29.20
CA VAL C 36 -26.36 5.32 -29.50
C VAL C 36 -24.97 5.82 -29.92
N ASP C 37 -24.90 6.64 -30.96
CA ASP C 37 -23.63 7.21 -31.42
C ASP C 37 -23.16 8.34 -30.51
N ARG C 38 -21.98 8.17 -29.92
CA ARG C 38 -21.49 9.07 -28.88
C ARG C 38 -20.29 9.93 -29.30
N THR C 39 -19.67 9.59 -30.43
CA THR C 39 -18.45 10.27 -30.91
C THR C 39 -18.58 11.79 -30.99
N GLU C 40 -19.76 12.25 -31.44
CA GLU C 40 -20.08 13.67 -31.50
C GLU C 40 -20.13 14.33 -30.11
N ALA C 41 -20.79 13.66 -29.16
CA ALA C 41 -20.95 14.19 -27.81
C ALA C 41 -19.68 14.10 -26.97
N LYS C 42 -18.95 12.99 -27.10
CA LYS C 42 -17.69 12.77 -26.38
C LYS C 42 -16.66 13.87 -26.63
N GLU C 43 -16.55 14.29 -27.88
CA GLU C 43 -15.58 15.32 -28.27
C GLU C 43 -15.99 16.71 -27.78
N GLY C 44 -17.30 16.93 -27.67
CA GLY C 44 -17.83 18.19 -27.18
C GLY C 44 -17.58 18.38 -25.69
N LEU C 45 -17.64 17.28 -24.95
CA LEU C 45 -17.43 17.31 -23.50
C LEU C 45 -15.95 17.53 -23.14
N LYS C 46 -15.06 16.96 -23.95
CA LYS C 46 -13.62 17.17 -23.77
C LYS C 46 -13.25 18.61 -24.11
N ARG C 47 -13.92 19.16 -25.12
CA ARG C 47 -13.76 20.56 -25.51
C ARG C 47 -14.28 21.49 -24.40
N GLY C 48 -15.21 20.99 -23.60
CA GLY C 48 -15.73 21.73 -22.45
C GLY C 48 -17.10 22.36 -22.65
N GLU C 49 -17.82 21.88 -23.67
CA GLU C 49 -19.15 22.40 -24.01
C GLU C 49 -20.20 21.84 -23.04
N THR C 50 -21.13 22.70 -22.65
CA THR C 50 -22.14 22.35 -21.64
C THR C 50 -23.57 22.31 -22.18
N THR C 51 -23.73 22.55 -23.48
CA THR C 51 -25.05 22.58 -24.11
C THR C 51 -25.22 21.47 -25.16
N HIS C 52 -26.47 21.11 -25.42
CA HIS C 52 -26.85 20.13 -26.45
C HIS C 52 -26.52 18.67 -26.14
N HIS C 53 -25.29 18.43 -25.69
CA HIS C 53 -24.80 17.06 -25.48
C HIS C 53 -25.38 16.38 -24.24
N ALA C 54 -25.75 15.11 -24.41
CA ALA C 54 -26.08 14.26 -23.28
C ALA C 54 -24.79 13.88 -22.57
N VAL C 55 -24.86 13.83 -21.25
CA VAL C 55 -23.71 13.56 -20.40
C VAL C 55 -23.21 12.10 -20.49
N SER C 56 -24.14 11.18 -20.75
CA SER C 56 -23.82 9.75 -20.85
C SER C 56 -24.82 9.01 -21.74
N ARG C 57 -24.64 7.70 -21.88
CA ARG C 57 -25.58 6.86 -22.65
C ARG C 57 -26.91 6.69 -21.91
N GLY C 58 -26.94 7.14 -20.66
CA GLY C 58 -28.12 7.03 -19.80
C GLY C 58 -29.33 7.81 -20.28
N SER C 59 -29.10 9.01 -20.80
CA SER C 59 -30.19 9.85 -21.30
C SER C 59 -31.00 9.11 -22.35
N ALA C 60 -30.31 8.56 -23.35
CA ALA C 60 -30.93 7.80 -24.43
C ALA C 60 -31.62 6.54 -23.94
N LYS C 61 -31.13 6.00 -22.82
CA LYS C 61 -31.71 4.80 -22.24
C LYS C 61 -33.04 5.10 -21.57
N LEU C 62 -33.11 6.20 -20.82
CA LEU C 62 -34.35 6.61 -20.17
C LEU C 62 -35.39 7.00 -21.22
N GLN C 63 -34.95 7.75 -22.24
CA GLN C 63 -35.84 8.21 -23.29
C GLN C 63 -36.64 7.07 -23.92
N TRP C 64 -35.99 5.93 -24.09
CA TRP C 64 -36.63 4.75 -24.69
C TRP C 64 -37.90 4.35 -23.92
N PHE C 65 -37.85 4.40 -22.60
CA PHE C 65 -39.01 4.12 -21.76
C PHE C 65 -40.05 5.23 -21.87
N VAL C 66 -39.58 6.47 -21.86
CA VAL C 66 -40.45 7.65 -21.89
C VAL C 66 -41.22 7.78 -23.21
N GLU C 67 -40.55 7.50 -24.32
CA GLU C 67 -41.19 7.48 -25.65
C GLU C 67 -42.36 6.50 -25.71
N ARG C 68 -42.29 5.46 -24.89
CA ARG C 68 -43.28 4.39 -24.86
C ARG C 68 -44.26 4.51 -23.70
N ASN C 69 -44.24 5.67 -23.03
CA ASN C 69 -45.12 5.98 -21.90
C ASN C 69 -45.03 5.02 -20.71
N MET C 70 -43.91 4.30 -20.62
CA MET C 70 -43.70 3.33 -19.54
C MET C 70 -43.41 4.05 -18.22
N VAL C 71 -42.68 5.16 -18.31
CA VAL C 71 -42.52 6.10 -17.21
C VAL C 71 -43.02 7.45 -17.72
N ILE C 72 -43.68 8.20 -16.86
CA ILE C 72 -44.14 9.54 -17.21
C ILE C 72 -43.63 10.50 -16.13
N PRO C 73 -42.40 11.05 -16.32
CA PRO C 73 -41.81 11.95 -15.32
C PRO C 73 -42.63 13.22 -15.12
N GLU C 74 -43.04 13.45 -13.88
CA GLU C 74 -43.84 14.62 -13.50
C GLU C 74 -43.24 15.29 -12.26
N GLY C 75 -43.46 16.60 -12.15
CA GLY C 75 -43.15 17.36 -10.95
C GLY C 75 -41.79 17.09 -10.35
N ARG C 76 -41.78 16.55 -9.13
CA ARG C 76 -40.55 16.33 -8.38
C ARG C 76 -39.93 14.97 -8.69
N VAL C 77 -38.85 15.00 -9.48
CA VAL C 77 -38.11 13.79 -9.85
C VAL C 77 -36.96 13.59 -8.88
N ILE C 78 -36.95 12.44 -8.22
CA ILE C 78 -35.81 12.03 -7.39
C ILE C 78 -35.09 10.85 -8.05
N ASP C 79 -33.78 11.04 -8.24
CA ASP C 79 -32.96 10.12 -9.02
C ASP C 79 -31.87 9.50 -8.15
N LEU C 80 -32.08 8.23 -7.76
CA LEU C 80 -31.14 7.51 -6.90
C LEU C 80 -30.03 6.85 -7.72
N GLY C 81 -28.78 7.19 -7.38
CA GLY C 81 -27.61 6.75 -8.14
C GLY C 81 -27.49 7.48 -9.46
N CYS C 82 -27.45 8.82 -9.39
CA CYS C 82 -27.48 9.65 -10.59
C CYS C 82 -26.18 9.66 -11.40
N GLY C 83 -25.06 9.40 -10.73
CA GLY C 83 -23.75 9.37 -11.38
C GLY C 83 -23.38 10.69 -12.02
N ARG C 84 -22.98 10.63 -13.29
CA ARG C 84 -22.67 11.83 -14.09
C ARG C 84 -23.88 12.76 -14.27
N GLY C 85 -25.08 12.19 -14.35
CA GLY C 85 -26.33 12.96 -14.39
C GLY C 85 -27.23 12.76 -15.61
N GLY C 86 -26.96 11.72 -16.40
CA GLY C 86 -27.69 11.46 -17.64
C GLY C 86 -29.21 11.46 -17.54
N TRP C 87 -29.74 10.76 -16.55
CA TRP C 87 -31.18 10.69 -16.34
C TRP C 87 -31.75 12.02 -15.85
N SER C 88 -31.02 12.68 -14.97
CA SER C 88 -31.44 13.94 -14.38
C SER C 88 -31.58 15.05 -15.41
N TYR C 89 -30.53 15.24 -16.21
CA TYR C 89 -30.53 16.26 -17.25
C TYR C 89 -31.56 16.01 -18.34
N TYR C 90 -31.82 14.73 -18.62
CA TYR C 90 -32.89 14.38 -19.56
C TYR C 90 -34.25 14.86 -19.05
N CYS C 91 -34.60 14.45 -17.83
CA CYS C 91 -35.86 14.83 -17.19
C CYS C 91 -36.10 16.33 -17.12
N ALA C 92 -35.02 17.09 -16.95
CA ALA C 92 -35.07 18.55 -16.85
C ALA C 92 -35.72 19.21 -18.06
N GLY C 93 -35.60 18.58 -19.22
CA GLY C 93 -36.17 19.10 -20.46
C GLY C 93 -37.65 18.81 -20.68
N LEU C 94 -38.21 17.90 -19.88
CA LEU C 94 -39.60 17.45 -20.03
C LEU C 94 -40.60 18.41 -19.37
N LYS C 95 -41.66 18.72 -20.12
CA LYS C 95 -42.65 19.74 -19.72
C LYS C 95 -43.28 19.55 -18.34
N LYS C 96 -43.59 18.31 -17.99
CA LYS C 96 -44.35 18.01 -16.76
C LYS C 96 -43.48 18.03 -15.50
N VAL C 97 -42.16 18.03 -15.68
CA VAL C 97 -41.20 18.01 -14.58
C VAL C 97 -41.01 19.42 -14.01
N THR C 98 -41.04 19.56 -12.68
CA THR C 98 -40.86 20.87 -12.05
C THR C 98 -39.52 21.03 -11.35
N GLU C 99 -39.00 19.93 -10.80
CA GLU C 99 -37.68 19.92 -10.14
C GLU C 99 -37.03 18.53 -10.18
N VAL C 100 -35.70 18.52 -10.20
CA VAL C 100 -34.94 17.27 -10.18
C VAL C 100 -33.89 17.28 -9.05
N ARG C 101 -33.92 16.24 -8.25
CA ARG C 101 -33.00 16.05 -7.15
C ARG C 101 -32.28 14.72 -7.41
N GLY C 102 -30.98 14.78 -7.67
CA GLY C 102 -30.17 13.59 -7.89
C GLY C 102 -29.18 13.33 -6.77
N TYR C 103 -29.07 12.07 -6.37
CA TYR C 103 -28.12 11.63 -5.33
C TYR C 103 -27.21 10.53 -5.86
N THR C 104 -25.92 10.62 -5.55
CA THR C 104 -24.93 9.63 -5.99
C THR C 104 -23.82 9.39 -4.97
N LYS C 105 -23.16 8.25 -5.08
CA LYS C 105 -22.14 7.82 -4.14
C LYS C 105 -20.86 8.64 -4.25
N GLY C 106 -20.33 8.74 -5.47
CA GLY C 106 -19.10 9.48 -5.72
C GLY C 106 -17.91 8.78 -5.11
N GLY C 107 -16.85 9.53 -4.88
CA GLY C 107 -15.59 8.98 -4.36
C GLY C 107 -14.69 8.50 -5.48
N PRO C 108 -13.46 8.08 -5.14
CA PRO C 108 -12.49 7.60 -6.13
C PRO C 108 -13.00 6.36 -6.87
N GLY C 109 -12.80 6.33 -8.18
CA GLY C 109 -13.21 5.19 -9.02
C GLY C 109 -14.71 5.08 -9.23
N HIS C 110 -15.45 6.09 -8.79
CA HIS C 110 -16.89 6.16 -9.02
C HIS C 110 -17.24 7.48 -9.66
N GLU C 111 -18.32 7.47 -10.42
CA GLU C 111 -18.70 8.59 -11.27
C GLU C 111 -19.17 9.80 -10.47
N GLU C 112 -18.70 10.97 -10.86
CA GLU C 112 -19.04 12.23 -10.20
C GLU C 112 -19.97 13.04 -11.11
N PRO C 113 -20.94 13.77 -10.52
CA PRO C 113 -21.86 14.60 -11.31
C PRO C 113 -21.13 15.65 -12.15
N VAL C 114 -21.66 15.92 -13.33
CA VAL C 114 -21.08 16.90 -14.24
C VAL C 114 -21.99 18.12 -14.33
N PRO C 115 -21.43 19.33 -14.14
CA PRO C 115 -22.22 20.55 -14.33
C PRO C 115 -22.52 20.76 -15.82
N MET C 116 -23.81 20.91 -16.14
CA MET C 116 -24.23 21.17 -17.51
C MET C 116 -25.15 22.38 -17.55
N SER C 117 -25.39 22.87 -18.77
CA SER C 117 -26.35 23.95 -18.99
C SER C 117 -27.32 23.63 -20.14
N THR C 118 -27.71 22.36 -20.21
CA THR C 118 -28.71 21.91 -21.18
C THR C 118 -30.11 22.34 -20.71
N TYR C 119 -31.06 22.32 -21.63
CA TYR C 119 -32.42 22.81 -21.36
C TYR C 119 -32.98 22.29 -20.04
N GLY C 120 -33.16 23.20 -19.09
CA GLY C 120 -33.76 22.90 -17.80
C GLY C 120 -32.76 22.64 -16.68
N TRP C 121 -31.50 23.03 -16.90
CA TRP C 121 -30.43 22.77 -15.93
C TRP C 121 -30.66 23.42 -14.57
N ASN C 122 -31.40 24.53 -14.56
CA ASN C 122 -31.58 25.34 -13.35
C ASN C 122 -32.58 24.77 -12.33
N ILE C 123 -33.33 23.75 -12.73
CA ILE C 123 -34.19 23.05 -11.77
C ILE C 123 -33.54 21.75 -11.28
N VAL C 124 -32.26 21.58 -11.61
CA VAL C 124 -31.49 20.38 -11.26
C VAL C 124 -30.49 20.65 -10.13
N LYS C 125 -30.52 19.81 -9.11
CA LYS C 125 -29.50 19.79 -8.05
C LYS C 125 -28.98 18.37 -7.88
N LEU C 126 -27.71 18.17 -8.26
CA LEU C 126 -27.06 16.88 -8.09
C LEU C 126 -26.06 16.97 -6.95
N MET C 127 -26.30 16.18 -5.89
CA MET C 127 -25.35 16.11 -4.78
C MET C 127 -24.63 14.77 -4.72
N SER C 128 -23.32 14.82 -4.51
CA SER C 128 -22.46 13.65 -4.49
C SER C 128 -22.07 13.31 -3.05
N GLY C 129 -21.42 12.17 -2.86
CA GLY C 129 -20.96 11.73 -1.54
C GLY C 129 -22.09 11.25 -0.64
N LYS C 130 -23.14 10.72 -1.25
CA LYS C 130 -24.30 10.24 -0.52
C LYS C 130 -24.61 8.78 -0.80
N ASP C 131 -24.50 7.97 0.25
CA ASP C 131 -24.89 6.56 0.18
C ASP C 131 -26.41 6.48 0.31
N VAL C 132 -27.05 6.09 -0.79
CA VAL C 132 -28.51 6.11 -0.90
C VAL C 132 -29.21 5.18 0.11
N PHE C 133 -28.51 4.16 0.58
CA PHE C 133 -29.02 3.24 1.59
C PHE C 133 -29.22 3.88 2.98
N TYR C 134 -28.82 5.14 3.13
CA TYR C 134 -28.95 5.87 4.39
C TYR C 134 -29.62 7.23 4.21
N LEU C 135 -30.19 7.43 3.03
CA LEU C 135 -30.93 8.64 2.70
C LEU C 135 -32.37 8.44 3.14
N PRO C 136 -32.86 9.27 4.09
CA PRO C 136 -34.27 9.15 4.49
C PRO C 136 -35.19 9.45 3.30
N PRO C 137 -36.15 8.54 3.02
CA PRO C 137 -37.07 8.73 1.90
C PRO C 137 -37.92 9.99 2.01
N GLU C 138 -38.12 10.65 0.88
CA GLU C 138 -38.88 11.90 0.80
C GLU C 138 -40.02 11.76 -0.20
N LYS C 139 -41.08 12.55 -0.01
CA LYS C 139 -42.18 12.55 -0.95
C LYS C 139 -41.72 13.10 -2.31
N CYS C 140 -42.05 12.37 -3.37
CA CYS C 140 -41.68 12.74 -4.73
C CYS C 140 -42.68 12.18 -5.73
N ASP C 141 -42.79 12.85 -6.87
CA ASP C 141 -43.77 12.49 -7.89
C ASP C 141 -43.28 11.37 -8.84
N THR C 142 -41.97 11.29 -9.00
CA THR C 142 -41.35 10.20 -9.77
C THR C 142 -40.00 9.79 -9.18
N LEU C 143 -39.84 8.48 -9.02
CA LEU C 143 -38.64 7.90 -8.43
C LEU C 143 -37.84 7.16 -9.49
N LEU C 144 -36.62 7.62 -9.74
CA LEU C 144 -35.70 6.92 -10.64
C LEU C 144 -34.55 6.30 -9.87
N CYS C 145 -34.20 5.07 -10.24
CA CYS C 145 -33.10 4.35 -9.59
C CYS C 145 -32.33 3.47 -10.57
N ASP C 146 -31.01 3.62 -10.59
CA ASP C 146 -30.17 2.87 -11.52
C ASP C 146 -29.03 2.14 -10.82
N ILE C 147 -29.17 1.96 -9.51
CA ILE C 147 -28.15 1.31 -8.68
C ILE C 147 -28.09 -0.21 -8.91
N GLY C 148 -26.90 -0.79 -8.71
CA GLY C 148 -26.71 -2.24 -8.75
C GLY C 148 -25.49 -2.68 -9.53
N GLU C 149 -24.47 -3.16 -8.81
CA GLU C 149 -23.19 -3.54 -9.43
C GLU C 149 -23.08 -5.02 -9.79
N SER C 150 -22.67 -5.27 -11.03
CA SER C 150 -22.47 -6.62 -11.55
C SER C 150 -21.45 -7.44 -10.78
N SER C 151 -21.70 -8.74 -10.72
CA SER C 151 -20.73 -9.71 -10.21
C SER C 151 -20.74 -10.93 -11.11
N PRO C 152 -19.58 -11.59 -11.25
CA PRO C 152 -19.56 -12.90 -11.90
C PRO C 152 -20.39 -13.93 -11.13
N SER C 153 -20.62 -13.66 -9.84
CA SER C 153 -21.41 -14.53 -8.97
C SER C 153 -22.87 -14.08 -8.96
N PRO C 154 -23.79 -14.95 -9.43
CA PRO C 154 -25.19 -14.55 -9.43
C PRO C 154 -25.80 -14.51 -8.03
N THR C 155 -25.20 -15.20 -7.06
CA THR C 155 -25.73 -15.14 -5.69
C THR C 155 -25.29 -13.84 -5.00
N VAL C 156 -24.11 -13.33 -5.36
CA VAL C 156 -23.66 -12.00 -4.92
C VAL C 156 -24.56 -10.93 -5.54
N GLU C 157 -24.83 -11.05 -6.84
CA GLU C 157 -25.76 -10.16 -7.53
C GLU C 157 -27.14 -10.22 -6.88
N GLU C 158 -27.61 -11.42 -6.57
CA GLU C 158 -28.91 -11.64 -5.94
C GLU C 158 -29.13 -10.79 -4.68
N SER C 159 -28.15 -10.80 -3.78
CA SER C 159 -28.27 -10.09 -2.51
C SER C 159 -28.08 -8.58 -2.67
N ARG C 160 -27.38 -8.18 -3.72
CA ARG C 160 -27.25 -6.76 -4.04
C ARG C 160 -28.55 -6.21 -4.59
N THR C 161 -29.21 -6.96 -5.45
CA THR C 161 -30.48 -6.49 -6.02
C THR C 161 -31.64 -6.54 -5.01
N ILE C 162 -31.62 -7.52 -4.10
CA ILE C 162 -32.60 -7.54 -3.01
C ILE C 162 -32.43 -6.33 -2.09
N ARG C 163 -31.17 -5.97 -1.82
CA ARG C 163 -30.87 -4.79 -1.00
C ARG C 163 -31.42 -3.50 -1.63
N VAL C 164 -31.36 -3.40 -2.95
CA VAL C 164 -31.90 -2.24 -3.68
C VAL C 164 -33.42 -2.22 -3.54
N LEU C 165 -34.06 -3.36 -3.79
CA LEU C 165 -35.51 -3.48 -3.69
C LEU C 165 -36.03 -3.17 -2.29
N LYS C 166 -35.22 -3.47 -1.28
CA LYS C 166 -35.58 -3.13 0.09
C LYS C 166 -35.50 -1.62 0.39
N MET C 167 -34.48 -0.95 -0.13
CA MET C 167 -34.33 0.50 0.11
C MET C 167 -35.25 1.34 -0.76
N VAL C 168 -35.53 0.83 -1.96
CA VAL C 168 -36.39 1.50 -2.93
C VAL C 168 -37.87 1.49 -2.50
N GLU C 169 -38.29 0.42 -1.82
CA GLU C 169 -39.68 0.23 -1.42
C GLU C 169 -40.32 1.46 -0.73
N PRO C 170 -39.74 1.93 0.40
CA PRO C 170 -40.38 3.04 1.11
C PRO C 170 -40.41 4.40 0.38
N TRP C 171 -39.82 4.47 -0.80
CA TRP C 171 -39.89 5.69 -1.62
C TRP C 171 -41.16 5.72 -2.47
N LEU C 172 -41.74 4.55 -2.72
CA LEU C 172 -42.89 4.42 -3.60
C LEU C 172 -44.21 4.53 -2.83
N LYS C 173 -45.04 5.48 -3.25
CA LYS C 173 -46.39 5.66 -2.69
C LYS C 173 -47.45 5.82 -3.78
N ASN C 174 -47.49 6.98 -4.43
CA ASN C 174 -48.41 7.24 -5.51
C ASN C 174 -47.67 7.92 -6.64
N ASN C 175 -46.69 7.21 -7.19
CA ASN C 175 -45.75 7.83 -8.10
C ASN C 175 -45.31 6.98 -9.27
N GLN C 176 -44.76 7.66 -10.28
CA GLN C 176 -44.15 7.02 -11.42
C GLN C 176 -42.77 6.57 -10.99
N PHE C 177 -42.34 5.42 -11.49
CA PHE C 177 -41.00 4.92 -11.18
C PHE C 177 -40.37 4.15 -12.31
N CYS C 178 -39.05 4.07 -12.26
CA CYS C 178 -38.27 3.28 -13.17
C CYS C 178 -37.03 2.84 -12.40
N ILE C 179 -37.00 1.56 -12.03
CA ILE C 179 -35.98 1.03 -11.13
C ILE C 179 -35.24 -0.14 -11.75
N LYS C 180 -33.91 -0.04 -11.80
CA LYS C 180 -33.07 -1.11 -12.32
C LYS C 180 -33.09 -2.33 -11.42
N VAL C 181 -33.46 -3.47 -11.98
CA VAL C 181 -33.29 -4.75 -11.31
C VAL C 181 -32.10 -5.45 -11.96
N LEU C 182 -30.97 -5.44 -11.25
CA LEU C 182 -29.71 -5.97 -11.74
C LEU C 182 -29.82 -7.42 -12.18
N ASN C 183 -30.37 -8.25 -11.30
CA ASN C 183 -30.43 -9.69 -11.53
C ASN C 183 -31.84 -10.21 -11.22
N PRO C 184 -32.69 -10.32 -12.25
CA PRO C 184 -34.08 -10.68 -12.02
C PRO C 184 -34.40 -12.16 -12.18
N TYR C 185 -33.40 -12.98 -12.52
CA TYR C 185 -33.64 -14.40 -12.79
C TYR C 185 -33.45 -15.31 -11.58
N MET C 186 -32.76 -14.81 -10.56
CA MET C 186 -32.52 -15.56 -9.32
C MET C 186 -33.82 -15.73 -8.52
N PRO C 187 -34.09 -16.96 -8.03
CA PRO C 187 -35.33 -17.32 -7.35
C PRO C 187 -35.81 -16.30 -6.32
N THR C 188 -34.94 -15.94 -5.38
CA THR C 188 -35.31 -15.04 -4.29
C THR C 188 -35.62 -13.61 -4.77
N VAL C 189 -35.00 -13.20 -5.87
CA VAL C 189 -35.32 -11.90 -6.47
C VAL C 189 -36.72 -11.92 -7.07
N ILE C 190 -37.09 -13.05 -7.66
CA ILE C 190 -38.40 -13.22 -8.27
C ILE C 190 -39.54 -13.21 -7.25
N GLU C 191 -39.27 -13.72 -6.05
CA GLU C 191 -40.24 -13.69 -4.96
C GLU C 191 -40.52 -12.28 -4.46
N HIS C 192 -39.48 -11.44 -4.42
CA HIS C 192 -39.62 -10.08 -3.94
C HIS C 192 -40.29 -9.19 -4.99
N LEU C 193 -39.99 -9.44 -6.26
CA LEU C 193 -40.58 -8.70 -7.37
C LEU C 193 -42.06 -9.00 -7.47
N GLU C 194 -42.42 -10.26 -7.23
CA GLU C 194 -43.82 -10.69 -7.20
C GLU C 194 -44.57 -9.91 -6.13
N ARG C 195 -44.08 -9.98 -4.90
CA ARG C 195 -44.68 -9.25 -3.77
C ARG C 195 -44.71 -7.75 -4.01
N LEU C 196 -43.72 -7.23 -4.71
CA LEU C 196 -43.65 -5.80 -5.02
C LEU C 196 -44.66 -5.39 -6.09
N GLN C 197 -44.81 -6.20 -7.13
CA GLN C 197 -45.75 -5.90 -8.21
C GLN C 197 -47.19 -5.91 -7.71
N ARG C 198 -47.48 -6.82 -6.78
CA ARG C 198 -48.79 -6.92 -6.14
C ARG C 198 -49.13 -5.61 -5.44
N LYS C 199 -48.13 -4.97 -4.83
CA LYS C 199 -48.36 -3.79 -4.00
C LYS C 199 -48.25 -2.44 -4.73
N HIS C 200 -47.34 -2.32 -5.69
CA HIS C 200 -47.13 -1.04 -6.39
C HIS C 200 -47.41 -1.10 -7.89
N GLY C 201 -47.75 -2.28 -8.40
CA GLY C 201 -48.03 -2.46 -9.82
C GLY C 201 -46.79 -2.43 -10.70
N GLY C 202 -47.00 -2.16 -11.99
CA GLY C 202 -45.91 -2.04 -12.94
C GLY C 202 -45.52 -3.34 -13.62
N MET C 203 -44.44 -3.29 -14.39
CA MET C 203 -43.96 -4.45 -15.14
C MET C 203 -42.44 -4.40 -15.18
N LEU C 204 -41.81 -5.54 -15.47
CA LEU C 204 -40.40 -5.59 -15.82
C LEU C 204 -40.21 -5.54 -17.33
N VAL C 205 -39.27 -4.71 -17.78
CA VAL C 205 -39.04 -4.52 -19.22
C VAL C 205 -37.55 -4.61 -19.57
N ARG C 206 -37.24 -5.20 -20.72
CA ARG C 206 -35.89 -5.21 -21.28
C ARG C 206 -35.67 -3.96 -22.12
N ASN C 207 -34.55 -3.30 -21.90
CA ASN C 207 -34.15 -2.16 -22.71
C ASN C 207 -33.19 -2.61 -23.80
N PRO C 208 -33.52 -2.34 -25.09
CA PRO C 208 -32.73 -2.74 -26.25
C PRO C 208 -31.30 -2.20 -26.26
N LEU C 209 -31.08 -1.11 -25.53
CA LEU C 209 -29.78 -0.45 -25.46
C LEU C 209 -28.88 -1.11 -24.40
N SER C 210 -29.47 -1.98 -23.58
CA SER C 210 -28.70 -2.81 -22.66
C SER C 210 -27.86 -3.79 -23.44
N ARG C 211 -26.62 -4.01 -22.98
CA ARG C 211 -25.73 -4.96 -23.61
C ARG C 211 -26.14 -6.39 -23.28
N ASN C 212 -25.64 -7.33 -24.09
CA ASN C 212 -25.89 -8.75 -23.89
C ASN C 212 -25.17 -9.32 -22.67
N SER C 213 -24.22 -8.55 -22.13
CA SER C 213 -23.40 -8.98 -21.00
C SER C 213 -24.08 -8.74 -19.65
N THR C 214 -25.23 -8.09 -19.67
CA THR C 214 -26.01 -7.88 -18.46
C THR C 214 -27.43 -8.42 -18.61
N HIS C 215 -27.99 -8.94 -17.52
CA HIS C 215 -29.36 -9.44 -17.52
C HIS C 215 -30.33 -8.38 -16.99
N GLU C 216 -29.82 -7.15 -16.86
CA GLU C 216 -30.58 -5.95 -16.53
C GLU C 216 -32.00 -5.96 -17.03
N MET C 217 -32.92 -5.62 -16.14
CA MET C 217 -34.29 -5.29 -16.52
C MET C 217 -34.79 -4.15 -15.64
N TYR C 218 -35.75 -3.38 -16.15
CA TYR C 218 -36.23 -2.21 -15.43
C TYR C 218 -37.67 -2.35 -14.97
N TRP C 219 -37.88 -2.12 -13.67
CA TRP C 219 -39.21 -2.13 -13.10
C TRP C 219 -39.88 -0.79 -13.38
N ILE C 220 -40.81 -0.82 -14.33
CA ILE C 220 -41.50 0.34 -14.86
C ILE C 220 -42.88 0.44 -14.21
N SER C 221 -43.37 1.66 -14.04
CA SER C 221 -44.64 1.88 -13.33
C SER C 221 -45.90 1.70 -14.19
N ASN C 222 -45.82 2.08 -15.46
CA ASN C 222 -46.98 1.97 -16.35
C ASN C 222 -46.91 0.77 -17.27
N GLY C 223 -47.47 -0.33 -16.79
CA GLY C 223 -47.45 -1.59 -17.53
C GLY C 223 -47.97 -2.68 -16.62
N THR C 224 -48.20 -3.85 -17.21
CA THR C 224 -48.73 -4.99 -16.47
C THR C 224 -48.32 -6.28 -17.18
N GLY C 225 -48.29 -7.39 -16.45
CA GLY C 225 -48.02 -8.70 -17.04
C GLY C 225 -47.18 -9.65 -16.21
N ASN C 226 -46.90 -10.82 -16.78
CA ASN C 226 -46.19 -11.88 -16.08
C ASN C 226 -44.70 -11.64 -16.05
N ILE C 227 -44.17 -11.30 -14.87
CA ILE C 227 -42.74 -11.01 -14.73
C ILE C 227 -41.87 -12.26 -14.85
N VAL C 228 -42.35 -13.40 -14.39
CA VAL C 228 -41.58 -14.63 -14.51
C VAL C 228 -41.28 -14.97 -15.96
N SER C 229 -42.31 -14.95 -16.81
CA SER C 229 -42.10 -15.32 -18.22
C SER C 229 -41.31 -14.27 -18.99
N SER C 230 -41.59 -12.99 -18.73
CA SER C 230 -40.83 -11.92 -19.39
C SER C 230 -39.34 -11.99 -19.05
N VAL C 231 -39.03 -12.42 -17.82
CA VAL C 231 -37.64 -12.67 -17.41
C VAL C 231 -37.02 -13.84 -18.17
N ASN C 232 -37.77 -14.95 -18.25
CA ASN C 232 -37.35 -16.13 -19.00
C ASN C 232 -37.12 -15.85 -20.48
N MET C 233 -37.89 -14.91 -21.04
CA MET C 233 -37.80 -14.57 -22.45
C MET C 233 -36.50 -13.84 -22.73
N VAL C 234 -36.10 -12.99 -21.79
CA VAL C 234 -34.82 -12.32 -21.87
C VAL C 234 -33.69 -13.34 -21.82
N SER C 235 -33.83 -14.34 -20.95
CA SER C 235 -32.84 -15.41 -20.82
C SER C 235 -32.65 -16.17 -22.15
N ARG C 236 -33.75 -16.60 -22.76
CA ARG C 236 -33.69 -17.29 -24.04
C ARG C 236 -33.09 -16.42 -25.12
N LEU C 237 -33.51 -15.15 -25.15
CA LEU C 237 -33.01 -14.17 -26.11
C LEU C 237 -31.48 -14.03 -26.03
N LEU C 238 -30.97 -13.89 -24.81
CA LEU C 238 -29.53 -13.75 -24.58
C LEU C 238 -28.76 -15.04 -24.86
N LEU C 239 -29.32 -16.18 -24.46
CA LEU C 239 -28.72 -17.47 -24.73
C LEU C 239 -28.60 -17.73 -26.22
N ASN C 240 -29.64 -17.36 -26.97
CA ASN C 240 -29.65 -17.51 -28.43
C ASN C 240 -28.59 -16.67 -29.12
N ARG C 241 -28.20 -15.56 -28.50
CA ARG C 241 -27.20 -14.66 -29.09
C ARG C 241 -25.76 -15.19 -28.99
N PHE C 242 -25.55 -16.30 -28.26
CA PHE C 242 -24.26 -16.99 -28.25
C PHE C 242 -24.01 -17.70 -29.57
N THR C 243 -24.97 -18.55 -29.98
CA THR C 243 -24.85 -19.35 -31.20
C THR C 243 -25.10 -18.55 -32.47
N MET C 244 -25.91 -17.50 -32.38
CA MET C 244 -26.20 -16.64 -33.52
C MET C 244 -24.94 -15.94 -34.01
N THR C 245 -24.68 -16.04 -35.31
CA THR C 245 -23.53 -15.38 -35.94
C THR C 245 -23.53 -13.89 -35.57
N HIS C 246 -22.33 -13.36 -35.28
CA HIS C 246 -22.20 -11.98 -34.84
C HIS C 246 -22.87 -10.97 -35.76
N ARG C 247 -23.65 -10.08 -35.16
CA ARG C 247 -24.31 -8.98 -35.86
C ARG C 247 -23.79 -7.65 -35.34
N ARG C 248 -23.63 -6.68 -36.23
CA ARG C 248 -23.23 -5.33 -35.83
C ARG C 248 -24.36 -4.67 -35.05
N PRO C 249 -24.01 -3.87 -34.03
CA PRO C 249 -25.03 -3.10 -33.31
C PRO C 249 -25.79 -2.15 -34.25
N THR C 250 -27.08 -1.95 -33.99
CA THR C 250 -27.87 -0.96 -34.72
C THR C 250 -27.59 0.42 -34.15
N ILE C 251 -26.97 1.27 -34.96
CA ILE C 251 -26.57 2.61 -34.51
C ILE C 251 -27.69 3.65 -34.71
N GLU C 252 -28.07 4.29 -33.62
CA GLU C 252 -29.01 5.41 -33.62
C GLU C 252 -28.30 6.71 -33.24
N LYS C 253 -28.93 7.83 -33.54
CA LYS C 253 -28.41 9.15 -33.15
C LYS C 253 -28.69 9.44 -31.68
N ASP C 254 -27.79 10.17 -31.04
CA ASP C 254 -27.90 10.51 -29.62
C ASP C 254 -28.97 11.55 -29.37
N VAL C 255 -29.32 11.74 -28.09
CA VAL C 255 -30.31 12.73 -27.68
C VAL C 255 -29.74 14.14 -27.74
N ASP C 256 -30.54 15.09 -28.24
CA ASP C 256 -30.19 16.50 -28.22
C ASP C 256 -30.96 17.17 -27.10
N LEU C 257 -30.27 17.51 -26.02
CA LEU C 257 -30.92 18.04 -24.82
C LEU C 257 -31.03 19.58 -24.80
N GLY C 258 -30.58 20.22 -25.88
CA GLY C 258 -30.76 21.66 -26.07
C GLY C 258 -30.00 22.56 -25.12
N ALA C 259 -30.57 23.74 -24.87
CA ALA C 259 -29.95 24.76 -24.03
C ALA C 259 -30.99 25.69 -23.41
N GLY C 260 -30.59 26.44 -22.38
CA GLY C 260 -31.45 27.44 -21.77
C GLY C 260 -32.04 27.04 -20.44
N THR C 261 -32.77 27.97 -19.82
CA THR C 261 -33.34 27.77 -18.48
C THR C 261 -34.84 27.49 -18.52
N ARG C 262 -35.44 27.25 -17.35
CA ARG C 262 -36.88 27.01 -17.22
C ARG C 262 -37.47 27.75 -16.01
N HIS C 263 -38.80 27.79 -15.93
CA HIS C 263 -39.50 28.44 -14.82
C HIS C 263 -39.62 27.52 -13.61
N GLN D 5 20.47 22.59 29.15
CA GLN D 5 21.84 23.16 29.06
C GLN D 5 22.89 22.03 28.95
N GLY D 6 24.17 22.39 29.01
CA GLY D 6 25.26 21.41 28.97
C GLY D 6 25.41 20.61 27.69
N GLU D 7 25.25 21.30 26.56
CA GLU D 7 25.32 20.68 25.24
C GLU D 7 26.77 20.32 24.91
N THR D 8 26.97 19.05 24.56
CA THR D 8 28.30 18.53 24.20
C THR D 8 28.73 18.97 22.80
N LEU D 9 30.03 18.90 22.52
CA LEU D 9 30.55 19.28 21.19
C LEU D 9 30.08 18.39 20.06
N GLY D 10 29.88 17.11 20.35
CA GLY D 10 29.30 16.18 19.37
C GLY D 10 27.87 16.56 19.01
N GLU D 11 27.11 16.99 20.02
CA GLU D 11 25.75 17.47 19.81
C GLU D 11 25.73 18.75 19.00
N LYS D 12 26.74 19.60 19.19
CA LYS D 12 26.88 20.84 18.44
C LYS D 12 27.19 20.53 16.98
N TRP D 13 28.03 19.51 16.76
CA TRP D 13 28.36 19.02 15.43
C TRP D 13 27.14 18.46 14.70
N LYS D 14 26.36 17.63 15.41
CA LYS D 14 25.13 17.05 14.87
C LYS D 14 24.10 18.05 14.38
N LYS D 15 23.91 19.14 15.13
CA LYS D 15 22.97 20.18 14.75
C LYS D 15 23.44 20.89 13.50
N LYS D 16 24.73 21.19 13.42
CA LYS D 16 25.32 21.83 12.23
C LYS D 16 25.28 20.88 11.04
N LEU D 17 25.51 19.60 11.29
CA LEU D 17 25.46 18.58 10.26
C LEU D 17 24.07 18.50 9.61
N ASN D 18 23.03 18.43 10.44
CA ASN D 18 21.65 18.35 9.99
C ASN D 18 21.18 19.57 9.21
N GLN D 19 21.62 20.74 9.64
CA GLN D 19 21.21 22.00 9.03
C GLN D 19 21.99 22.33 7.76
N LEU D 20 22.66 21.32 7.20
CA LEU D 20 23.38 21.47 5.94
C LEU D 20 22.52 21.12 4.75
N SER D 21 22.63 21.92 3.69
CA SER D 21 21.98 21.62 2.41
C SER D 21 22.67 20.42 1.77
N ARG D 22 22.09 19.91 0.68
CA ARG D 22 22.59 18.70 0.02
C ARG D 22 23.92 18.89 -0.71
N LYS D 23 24.09 20.03 -1.37
CA LYS D 23 25.36 20.38 -2.01
C LYS D 23 26.45 20.43 -0.95
N GLU D 24 26.18 21.18 0.12
CA GLU D 24 27.09 21.34 1.24
C GLU D 24 27.43 19.99 1.89
N PHE D 25 26.41 19.16 2.08
CA PHE D 25 26.57 17.87 2.75
C PHE D 25 27.48 16.91 2.00
N ASP D 26 27.38 16.90 0.66
CA ASP D 26 28.21 16.03 -0.17
C ASP D 26 29.65 16.50 -0.26
N LEU D 27 29.86 17.82 -0.12
CA LEU D 27 31.20 18.39 -0.03
C LEU D 27 31.83 18.03 1.31
N TYR D 28 31.10 18.29 2.39
CA TYR D 28 31.59 18.11 3.74
C TYR D 28 31.95 16.65 4.06
N LYS D 29 31.06 15.73 3.74
CA LYS D 29 31.22 14.33 4.17
C LYS D 29 32.50 13.66 3.69
N LYS D 30 33.12 14.22 2.65
CA LYS D 30 34.34 13.64 2.09
C LYS D 30 35.54 14.57 2.20
N SER D 31 35.33 15.77 2.73
CA SER D 31 36.39 16.78 2.85
C SER D 31 37.52 16.33 3.79
N GLY D 32 38.69 16.06 3.21
CA GLY D 32 39.89 15.76 3.96
C GLY D 32 40.02 14.36 4.53
N ILE D 33 39.11 13.47 4.17
CA ILE D 33 39.17 12.07 4.63
C ILE D 33 40.11 11.26 3.74
N THR D 34 40.37 10.02 4.12
CA THR D 34 41.06 9.09 3.22
C THR D 34 40.04 8.09 2.66
N GLU D 35 40.22 7.72 1.40
CA GLU D 35 39.26 6.93 0.69
C GLU D 35 39.95 5.88 -0.17
N VAL D 36 39.35 4.69 -0.22
CA VAL D 36 39.87 3.58 -1.02
C VAL D 36 39.28 3.60 -2.43
N ASP D 37 40.11 3.38 -3.44
CA ASP D 37 39.65 3.35 -4.84
C ASP D 37 38.93 2.05 -5.16
N ARG D 38 37.66 2.17 -5.56
CA ARG D 38 36.80 1.00 -5.72
C ARG D 38 36.41 0.70 -7.17
N THR D 39 36.68 1.63 -8.09
CA THR D 39 36.30 1.50 -9.50
C THR D 39 36.75 0.19 -10.13
N GLU D 40 37.97 -0.24 -9.81
CA GLU D 40 38.52 -1.52 -10.26
C GLU D 40 37.73 -2.71 -9.75
N ALA D 41 37.41 -2.71 -8.45
CA ALA D 41 36.70 -3.81 -7.80
C ALA D 41 35.22 -3.87 -8.16
N LYS D 42 34.58 -2.69 -8.24
CA LYS D 42 33.16 -2.59 -8.59
C LYS D 42 32.83 -3.23 -9.93
N GLU D 43 33.68 -3.00 -10.92
CA GLU D 43 33.48 -3.51 -12.26
C GLU D 43 33.71 -5.02 -12.34
N GLY D 44 34.59 -5.53 -11.48
CA GLY D 44 34.89 -6.96 -11.41
C GLY D 44 33.72 -7.75 -10.82
N LEU D 45 33.03 -7.15 -9.85
CA LEU D 45 31.90 -7.79 -9.19
C LEU D 45 30.67 -7.85 -10.10
N LYS D 46 30.48 -6.81 -10.92
CA LYS D 46 29.40 -6.78 -11.90
C LYS D 46 29.66 -7.80 -13.00
N ARG D 47 30.93 -7.96 -13.36
CA ARG D 47 31.37 -8.97 -14.32
C ARG D 47 31.16 -10.38 -13.76
N GLY D 48 31.15 -10.49 -12.44
CA GLY D 48 30.87 -11.77 -11.76
C GLY D 48 32.09 -12.49 -11.24
N GLU D 49 33.20 -11.76 -11.11
CA GLU D 49 34.46 -12.31 -10.61
C GLU D 49 34.43 -12.49 -9.11
N THR D 50 35.00 -13.59 -8.62
CA THR D 50 34.93 -13.94 -7.20
C THR D 50 36.30 -13.94 -6.51
N THR D 51 37.34 -13.60 -7.25
CA THR D 51 38.71 -13.59 -6.72
C THR D 51 39.31 -12.19 -6.69
N HIS D 52 40.30 -12.00 -5.81
CA HIS D 52 41.09 -10.76 -5.68
C HIS D 52 40.33 -9.57 -5.07
N HIS D 53 39.12 -9.32 -5.55
CA HIS D 53 38.36 -8.13 -5.15
C HIS D 53 37.78 -8.22 -3.75
N ALA D 54 37.91 -7.13 -3.00
CA ALA D 54 37.19 -6.96 -1.75
C ALA D 54 35.72 -6.69 -2.05
N VAL D 55 34.85 -7.27 -1.23
CA VAL D 55 33.41 -7.19 -1.42
C VAL D 55 32.84 -5.79 -1.15
N SER D 56 33.48 -5.04 -0.24
CA SER D 56 33.04 -3.70 0.13
C SER D 56 34.21 -2.85 0.65
N ARG D 57 33.91 -1.62 1.05
CA ARG D 57 34.92 -0.73 1.64
C ARG D 57 35.31 -1.18 3.04
N GLY D 58 34.56 -2.14 3.58
CA GLY D 58 34.79 -2.67 4.92
C GLY D 58 36.12 -3.37 5.12
N SER D 59 36.56 -4.14 4.12
CA SER D 59 37.83 -4.85 4.20
C SER D 59 38.98 -3.90 4.50
N ALA D 60 39.07 -2.83 3.71
CA ALA D 60 40.10 -1.80 3.88
C ALA D 60 39.98 -1.07 5.20
N LYS D 61 38.76 -1.02 5.73
CA LYS D 61 38.51 -0.35 7.02
C LYS D 61 39.06 -1.18 8.17
N LEU D 62 38.81 -2.48 8.14
CA LEU D 62 39.31 -3.39 9.17
C LEU D 62 40.84 -3.45 9.12
N GLN D 63 41.38 -3.56 7.90
CA GLN D 63 42.83 -3.66 7.70
C GLN D 63 43.59 -2.54 8.40
N TRP D 64 43.01 -1.33 8.39
CA TRP D 64 43.64 -0.18 9.03
C TRP D 64 43.92 -0.42 10.51
N PHE D 65 42.97 -1.06 11.20
CA PHE D 65 43.16 -1.41 12.62
C PHE D 65 44.19 -2.54 12.76
N VAL D 66 44.11 -3.53 11.87
CA VAL D 66 44.97 -4.71 11.92
C VAL D 66 46.44 -4.38 11.64
N GLU D 67 46.68 -3.48 10.68
CA GLU D 67 48.03 -3.00 10.37
C GLU D 67 48.70 -2.35 11.58
N ARG D 68 47.88 -1.82 12.48
CA ARG D 68 48.34 -1.09 13.65
C ARG D 68 48.25 -1.92 14.93
N ASN D 69 48.00 -3.22 14.76
CA ASN D 69 47.91 -4.19 15.87
C ASN D 69 46.83 -3.88 16.91
N MET D 70 45.84 -3.08 16.53
CA MET D 70 44.76 -2.69 17.44
C MET D 70 43.80 -3.85 17.66
N VAL D 71 43.59 -4.63 16.60
CA VAL D 71 42.90 -5.92 16.67
C VAL D 71 43.86 -6.95 16.13
N ILE D 72 43.88 -8.13 16.73
CA ILE D 72 44.71 -9.24 16.24
C ILE D 72 43.80 -10.46 16.05
N PRO D 73 43.19 -10.59 14.86
CA PRO D 73 42.28 -11.71 14.61
C PRO D 73 42.96 -13.08 14.70
N GLU D 74 42.45 -13.92 15.60
CA GLU D 74 42.98 -15.27 15.83
C GLU D 74 41.85 -16.29 15.81
N GLY D 75 42.19 -17.51 15.43
CA GLY D 75 41.29 -18.66 15.54
C GLY D 75 39.86 -18.43 15.07
N ARG D 76 38.92 -18.52 16.01
CA ARG D 76 37.51 -18.43 15.69
C ARG D 76 37.00 -16.98 15.70
N VAL D 77 36.79 -16.43 14.50
CA VAL D 77 36.30 -15.07 14.33
C VAL D 77 34.78 -15.10 14.18
N ILE D 78 34.08 -14.40 15.08
CA ILE D 78 32.65 -14.20 14.96
C ILE D 78 32.36 -12.73 14.62
N ASP D 79 31.62 -12.54 13.53
CA ASP D 79 31.39 -11.23 12.95
C ASP D 79 29.92 -10.86 12.98
N LEU D 80 29.54 -9.99 13.91
CA LEU D 80 28.14 -9.58 14.09
C LEU D 80 27.78 -8.41 13.16
N GLY D 81 26.75 -8.61 12.34
CA GLY D 81 26.36 -7.65 11.32
C GLY D 81 27.34 -7.66 10.15
N CYS D 82 27.53 -8.83 9.55
CA CYS D 82 28.55 -9.02 8.52
C CYS D 82 28.20 -8.39 7.18
N GLY D 83 26.90 -8.25 6.89
CA GLY D 83 26.43 -7.68 5.63
C GLY D 83 26.89 -8.46 4.42
N ARG D 84 27.46 -7.75 3.45
CA ARG D 84 28.02 -8.36 2.24
C ARG D 84 29.17 -9.32 2.53
N GLY D 85 29.95 -9.03 3.58
CA GLY D 85 31.01 -9.93 4.07
C GLY D 85 32.43 -9.39 4.08
N GLY D 86 32.58 -8.08 3.93
CA GLY D 86 33.89 -7.43 3.83
C GLY D 86 34.89 -7.76 4.93
N TRP D 87 34.43 -7.73 6.18
CA TRP D 87 35.29 -8.04 7.33
C TRP D 87 35.61 -9.53 7.39
N SER D 88 34.63 -10.35 7.08
CA SER D 88 34.77 -11.80 7.14
C SER D 88 35.81 -12.31 6.15
N TYR D 89 35.66 -11.92 4.88
CA TYR D 89 36.57 -12.34 3.82
C TYR D 89 37.98 -11.81 4.00
N TYR D 90 38.11 -10.64 4.62
CA TYR D 90 39.43 -10.12 4.97
C TYR D 90 40.12 -11.04 5.98
N CYS D 91 39.45 -11.30 7.10
CA CYS D 91 39.98 -12.18 8.16
C CYS D 91 40.40 -13.56 7.68
N ALA D 92 39.66 -14.09 6.70
CA ALA D 92 39.92 -15.40 6.13
C ALA D 92 41.34 -15.55 5.58
N GLY D 93 41.92 -14.45 5.12
CA GLY D 93 43.28 -14.44 4.57
C GLY D 93 44.40 -14.38 5.60
N LEU D 94 44.06 -14.07 6.85
CA LEU D 94 45.06 -13.90 7.92
C LEU D 94 45.50 -15.22 8.54
N LYS D 95 46.81 -15.38 8.72
CA LYS D 95 47.44 -16.63 9.15
C LYS D 95 46.90 -17.23 10.45
N LYS D 96 46.63 -16.37 11.44
CA LYS D 96 46.25 -16.82 12.77
C LYS D 96 44.78 -17.24 12.90
N VAL D 97 43.98 -16.90 11.89
CA VAL D 97 42.55 -17.19 11.86
C VAL D 97 42.30 -18.63 11.41
N THR D 98 41.45 -19.37 12.12
CA THR D 98 41.16 -20.75 11.76
C THR D 98 39.75 -20.94 11.16
N GLU D 99 38.79 -20.14 11.63
CA GLU D 99 37.42 -20.16 11.10
C GLU D 99 36.71 -18.82 11.25
N VAL D 100 35.78 -18.53 10.35
CA VAL D 100 34.98 -17.31 10.42
C VAL D 100 33.48 -17.63 10.34
N ARG D 101 32.72 -17.19 11.34
CA ARG D 101 31.26 -17.23 11.29
C ARG D 101 30.73 -15.80 11.25
N GLY D 102 30.01 -15.47 10.19
CA GLY D 102 29.36 -14.17 10.07
C GLY D 102 27.84 -14.30 10.16
N TYR D 103 27.23 -13.36 10.88
CA TYR D 103 25.78 -13.27 11.02
C TYR D 103 25.28 -11.88 10.60
N THR D 104 24.18 -11.85 9.86
CA THR D 104 23.60 -10.60 9.37
C THR D 104 22.07 -10.64 9.31
N LYS D 105 21.45 -9.46 9.30
CA LYS D 105 20.00 -9.31 9.34
C LYS D 105 19.36 -9.72 8.02
N GLY D 106 19.85 -9.15 6.92
CA GLY D 106 19.30 -9.43 5.60
C GLY D 106 17.92 -8.85 5.44
N GLY D 107 17.16 -9.40 4.49
CA GLY D 107 15.82 -8.91 4.19
C GLY D 107 15.87 -7.80 3.16
N PRO D 108 14.68 -7.35 2.69
CA PRO D 108 14.58 -6.29 1.68
C PRO D 108 15.19 -4.98 2.17
N GLY D 109 15.96 -4.33 1.30
CA GLY D 109 16.59 -3.04 1.63
C GLY D 109 17.76 -3.13 2.61
N HIS D 110 18.18 -4.36 2.90
CA HIS D 110 19.36 -4.61 3.72
C HIS D 110 20.31 -5.53 3.00
N GLU D 111 21.59 -5.40 3.32
CA GLU D 111 22.66 -6.04 2.60
C GLU D 111 22.70 -7.55 2.82
N GLU D 112 22.87 -8.29 1.74
CA GLU D 112 22.89 -9.75 1.76
C GLU D 112 24.32 -10.23 1.52
N PRO D 113 24.76 -11.32 2.19
CA PRO D 113 26.11 -11.87 1.99
C PRO D 113 26.38 -12.25 0.54
N VAL D 114 27.62 -12.04 0.11
CA VAL D 114 28.02 -12.37 -1.26
C VAL D 114 28.97 -13.57 -1.23
N PRO D 115 28.68 -14.61 -2.05
CA PRO D 115 29.61 -15.73 -2.17
C PRO D 115 30.89 -15.29 -2.91
N MET D 116 32.03 -15.52 -2.27
CA MET D 116 33.33 -15.21 -2.88
C MET D 116 34.24 -16.43 -2.84
N SER D 117 35.34 -16.36 -3.58
CA SER D 117 36.37 -17.38 -3.53
C SER D 117 37.77 -16.76 -3.38
N THR D 118 37.85 -15.71 -2.57
CA THR D 118 39.12 -15.08 -2.23
C THR D 118 39.86 -15.94 -1.22
N TYR D 119 41.17 -15.69 -1.06
CA TYR D 119 42.02 -16.51 -0.20
C TYR D 119 41.40 -16.78 1.17
N GLY D 120 41.06 -18.04 1.42
CA GLY D 120 40.52 -18.48 2.70
C GLY D 120 39.01 -18.56 2.77
N TRP D 121 38.36 -18.56 1.61
CA TRP D 121 36.90 -18.56 1.54
C TRP D 121 36.24 -19.79 2.17
N ASN D 122 36.98 -20.90 2.18
CA ASN D 122 36.44 -22.19 2.62
C ASN D 122 36.32 -22.35 4.14
N ILE D 123 36.90 -21.44 4.90
CA ILE D 123 36.72 -21.43 6.35
C ILE D 123 35.67 -20.41 6.77
N VAL D 124 34.96 -19.86 5.79
CA VAL D 124 33.95 -18.83 6.00
C VAL D 124 32.53 -19.37 5.82
N LYS D 125 31.68 -19.12 6.82
CA LYS D 125 30.25 -19.38 6.71
C LYS D 125 29.46 -18.13 7.10
N LEU D 126 28.80 -17.53 6.13
CA LEU D 126 27.96 -16.35 6.36
C LEU D 126 26.50 -16.75 6.28
N MET D 127 25.79 -16.59 7.39
CA MET D 127 24.35 -16.87 7.40
C MET D 127 23.56 -15.57 7.54
N SER D 128 22.49 -15.46 6.75
CA SER D 128 21.64 -14.28 6.71
C SER D 128 20.31 -14.57 7.41
N GLY D 129 19.50 -13.54 7.58
CA GLY D 129 18.19 -13.66 8.22
C GLY D 129 18.25 -13.88 9.72
N LYS D 130 19.30 -13.33 10.34
CA LYS D 130 19.54 -13.50 11.77
C LYS D 130 19.64 -12.16 12.50
N ASP D 131 18.68 -11.91 13.37
CA ASP D 131 18.71 -10.74 14.25
C ASP D 131 19.68 -11.02 15.41
N VAL D 132 20.80 -10.32 15.40
CA VAL D 132 21.91 -10.54 16.33
C VAL D 132 21.53 -10.35 17.80
N PHE D 133 20.50 -9.53 18.05
CA PHE D 133 19.99 -9.32 19.40
C PHE D 133 19.31 -10.54 20.03
N TYR D 134 19.18 -11.63 19.26
CA TYR D 134 18.55 -12.87 19.73
C TYR D 134 19.41 -14.09 19.47
N LEU D 135 20.65 -13.84 19.09
CA LEU D 135 21.64 -14.88 18.86
C LEU D 135 22.30 -15.21 20.21
N PRO D 136 22.16 -16.45 20.69
CA PRO D 136 22.84 -16.81 21.94
C PRO D 136 24.36 -16.71 21.77
N PRO D 137 25.05 -16.00 22.69
CA PRO D 137 26.50 -15.82 22.59
C PRO D 137 27.26 -17.15 22.65
N GLU D 138 28.32 -17.23 21.86
CA GLU D 138 29.16 -18.43 21.77
C GLU D 138 30.61 -18.08 22.05
N LYS D 139 31.37 -19.05 22.53
CA LYS D 139 32.80 -18.85 22.75
C LYS D 139 33.50 -18.62 21.41
N CYS D 140 34.32 -17.57 21.37
CA CYS D 140 35.07 -17.20 20.17
C CYS D 140 36.35 -16.45 20.54
N ASP D 141 37.35 -16.53 19.66
CA ASP D 141 38.67 -15.95 19.92
C ASP D 141 38.74 -14.46 19.55
N THR D 142 37.92 -14.06 18.59
CA THR D 142 37.79 -12.65 18.22
C THR D 142 36.36 -12.28 17.84
N LEU D 143 35.87 -11.19 18.41
CA LEU D 143 34.52 -10.71 18.20
C LEU D 143 34.52 -9.42 17.38
N LEU D 144 33.93 -9.47 16.20
CA LEU D 144 33.79 -8.27 15.36
C LEU D 144 32.32 -7.85 15.29
N CYS D 145 32.08 -6.54 15.40
CA CYS D 145 30.71 -6.00 15.35
C CYS D 145 30.67 -4.64 14.66
N ASP D 146 29.80 -4.50 13.68
CA ASP D 146 29.71 -3.25 12.91
C ASP D 146 28.29 -2.70 12.87
N ILE D 147 27.45 -3.17 13.79
CA ILE D 147 26.04 -2.79 13.86
C ILE D 147 25.85 -1.36 14.37
N GLY D 148 24.77 -0.70 13.93
CA GLY D 148 24.38 0.61 14.46
C GLY D 148 23.96 1.60 13.38
N GLU D 149 22.65 1.86 13.28
CA GLU D 149 22.12 2.73 12.23
C GLU D 149 21.98 4.21 12.63
N SER D 150 22.50 5.08 11.75
CA SER D 150 22.45 6.53 11.94
C SER D 150 21.05 7.08 12.04
N SER D 151 20.91 8.14 12.83
CA SER D 151 19.69 8.93 12.90
C SER D 151 20.06 10.41 12.97
N PRO D 152 19.23 11.29 12.38
CA PRO D 152 19.39 12.72 12.60
C PRO D 152 19.25 13.10 14.08
N SER D 153 18.57 12.24 14.84
CA SER D 153 18.37 12.43 16.27
C SER D 153 19.46 11.74 17.07
N PRO D 154 20.25 12.53 17.82
CA PRO D 154 21.31 11.91 18.61
C PRO D 154 20.77 11.12 19.81
N THR D 155 19.55 11.39 20.25
CA THR D 155 18.99 10.60 21.36
C THR D 155 18.46 9.24 20.88
N VAL D 156 18.00 9.20 19.63
CA VAL D 156 17.65 7.94 18.97
C VAL D 156 18.92 7.11 18.75
N GLU D 157 19.97 7.76 18.26
CA GLU D 157 21.27 7.11 18.09
C GLU D 157 21.79 6.59 19.42
N GLU D 158 21.65 7.39 20.47
CA GLU D 158 22.09 7.04 21.82
C GLU D 158 21.56 5.69 22.29
N SER D 159 20.25 5.48 22.13
CA SER D 159 19.61 4.26 22.62
C SER D 159 19.90 3.07 21.72
N ARG D 160 20.19 3.34 20.46
CA ARG D 160 20.61 2.28 19.52
C ARG D 160 22.00 1.78 19.86
N THR D 161 22.90 2.70 20.19
CA THR D 161 24.27 2.31 20.52
C THR D 161 24.40 1.66 21.89
N ILE D 162 23.58 2.09 22.85
CA ILE D 162 23.49 1.41 24.15
C ILE D 162 22.98 -0.03 23.99
N ARG D 163 22.00 -0.22 23.12
CA ARG D 163 21.46 -1.54 22.84
C ARG D 163 22.52 -2.49 22.28
N VAL D 164 23.40 -1.95 21.43
CA VAL D 164 24.51 -2.74 20.88
C VAL D 164 25.48 -3.13 21.99
N LEU D 165 25.89 -2.15 22.79
CA LEU D 165 26.81 -2.37 23.91
C LEU D 165 26.27 -3.38 24.92
N LYS D 166 24.95 -3.42 25.09
CA LYS D 166 24.32 -4.41 25.95
C LYS D 166 24.37 -5.84 25.38
N MET D 167 24.14 -6.00 24.07
CA MET D 167 24.17 -7.33 23.46
C MET D 167 25.58 -7.83 23.21
N VAL D 168 26.50 -6.90 22.97
CA VAL D 168 27.89 -7.21 22.69
C VAL D 168 28.64 -7.69 23.94
N GLU D 169 28.26 -7.16 25.09
CA GLU D 169 28.92 -7.46 26.37
C GLU D 169 29.12 -8.96 26.64
N PRO D 170 28.04 -9.77 26.68
CA PRO D 170 28.22 -11.19 27.01
C PRO D 170 29.01 -12.03 26.01
N TRP D 171 29.43 -11.44 24.89
CA TRP D 171 30.28 -12.14 23.93
C TRP D 171 31.76 -12.03 24.30
N LEU D 172 32.11 -11.02 25.10
CA LEU D 172 33.49 -10.74 25.44
C LEU D 172 33.91 -11.45 26.72
N LYS D 173 34.97 -12.24 26.63
CA LYS D 173 35.56 -12.90 27.79
C LYS D 173 37.07 -12.75 27.83
N ASN D 174 37.77 -13.48 26.96
CA ASN D 174 39.23 -13.40 26.86
C ASN D 174 39.61 -13.33 25.40
N ASN D 175 39.16 -12.28 24.73
CA ASN D 175 39.26 -12.23 23.28
C ASN D 175 39.59 -10.87 22.70
N GLN D 176 40.02 -10.89 21.45
CA GLN D 176 40.25 -9.69 20.68
C GLN D 176 38.91 -9.22 20.17
N PHE D 177 38.71 -7.90 20.13
CA PHE D 177 37.47 -7.35 19.62
C PHE D 177 37.64 -6.03 18.89
N CYS D 178 36.66 -5.73 18.05
CA CYS D 178 36.58 -4.47 17.35
C CYS D 178 35.10 -4.19 17.13
N ILE D 179 34.57 -3.25 17.90
CA ILE D 179 33.13 -3.00 17.95
C ILE D 179 32.82 -1.54 17.62
N LYS D 180 31.93 -1.35 16.64
CA LYS D 180 31.49 -0.01 16.25
C LYS D 180 30.62 0.63 17.34
N VAL D 181 31.05 1.80 17.79
CA VAL D 181 30.22 2.64 18.65
C VAL D 181 29.70 3.78 17.79
N LEU D 182 28.43 3.66 17.40
CA LEU D 182 27.77 4.60 16.49
C LEU D 182 27.86 6.04 16.98
N ASN D 183 27.48 6.27 18.23
CA ASN D 183 27.41 7.60 18.80
C ASN D 183 28.06 7.62 20.17
N PRO D 184 29.33 8.03 20.23
CA PRO D 184 30.07 7.96 21.47
C PRO D 184 30.11 9.25 22.28
N TYR D 185 29.49 10.31 21.77
CA TYR D 185 29.55 11.62 22.43
C TYR D 185 28.41 11.89 23.41
N MET D 186 27.32 11.14 23.27
CA MET D 186 26.17 11.27 24.18
C MET D 186 26.50 10.80 25.59
N PRO D 187 26.09 11.59 26.61
CA PRO D 187 26.42 11.34 28.02
C PRO D 187 26.25 9.89 28.46
N THR D 188 25.07 9.32 28.22
CA THR D 188 24.76 7.96 28.70
C THR D 188 25.59 6.89 27.98
N VAL D 189 26.00 7.16 26.74
CA VAL D 189 26.89 6.24 26.03
C VAL D 189 28.29 6.26 26.67
N ILE D 190 28.71 7.44 27.10
CA ILE D 190 30.02 7.61 27.74
C ILE D 190 30.13 6.89 29.08
N GLU D 191 29.01 6.83 29.81
CA GLU D 191 28.96 6.12 31.09
C GLU D 191 29.10 4.62 30.91
N HIS D 192 28.50 4.09 29.85
CA HIS D 192 28.53 2.65 29.60
C HIS D 192 29.89 2.23 29.07
N LEU D 193 30.49 3.09 28.25
CA LEU D 193 31.82 2.83 27.68
C LEU D 193 32.88 2.84 28.78
N GLU D 194 32.70 3.74 29.74
CA GLU D 194 33.58 3.83 30.90
C GLU D 194 33.54 2.53 31.68
N ARG D 195 32.33 2.11 32.07
CA ARG D 195 32.12 0.86 32.79
C ARG D 195 32.61 -0.35 31.99
N LEU D 196 32.50 -0.28 30.67
CA LEU D 196 32.94 -1.36 29.80
C LEU D 196 34.47 -1.44 29.70
N GLN D 197 35.12 -0.28 29.58
CA GLN D 197 36.58 -0.24 29.48
C GLN D 197 37.24 -0.76 30.76
N ARG D 198 36.62 -0.44 31.89
CA ARG D 198 37.07 -0.91 33.20
C ARG D 198 37.11 -2.44 33.23
N LYS D 199 36.12 -3.07 32.60
CA LYS D 199 35.95 -4.52 32.71
C LYS D 199 36.64 -5.33 31.60
N HIS D 200 36.67 -4.82 30.37
CA HIS D 200 37.27 -5.57 29.25
C HIS D 200 38.48 -4.89 28.61
N GLY D 201 38.83 -3.71 29.09
CA GLY D 201 39.97 -2.96 28.57
C GLY D 201 39.71 -2.33 27.20
N GLY D 202 40.80 -2.03 26.48
CA GLY D 202 40.71 -1.47 25.14
C GLY D 202 40.64 0.04 25.09
N MET D 203 40.43 0.57 23.89
CA MET D 203 40.37 2.01 23.65
C MET D 203 39.35 2.28 22.56
N LEU D 204 38.88 3.53 22.49
CA LEU D 204 38.11 4.01 21.35
C LEU D 204 39.03 4.68 20.35
N VAL D 205 38.86 4.38 19.07
CA VAL D 205 39.72 4.90 18.00
C VAL D 205 38.90 5.43 16.81
N ARG D 206 39.37 6.53 16.21
CA ARG D 206 38.80 7.08 14.99
C ARG D 206 39.47 6.41 13.79
N ASN D 207 38.65 5.96 12.83
CA ASN D 207 39.17 5.42 11.58
C ASN D 207 39.15 6.50 10.50
N PRO D 208 40.33 6.78 9.90
CA PRO D 208 40.50 7.82 8.87
C PRO D 208 39.60 7.64 7.65
N LEU D 209 39.17 6.41 7.41
CA LEU D 209 38.34 6.06 6.26
C LEU D 209 36.86 6.33 6.53
N SER D 210 36.53 6.59 7.79
CA SER D 210 35.20 7.04 8.17
C SER D 210 34.94 8.43 7.60
N ARG D 211 33.72 8.64 7.12
CA ARG D 211 33.33 9.94 6.57
C ARG D 211 33.11 10.96 7.69
N ASN D 212 33.12 12.23 7.33
CA ASN D 212 32.88 13.33 8.25
C ASN D 212 31.42 13.40 8.71
N SER D 213 30.55 12.69 8.00
CA SER D 213 29.11 12.69 8.28
C SER D 213 28.71 11.75 9.42
N THR D 214 29.66 10.96 9.90
CA THR D 214 29.41 10.07 11.02
C THR D 214 30.40 10.31 12.15
N HIS D 215 29.94 10.17 13.40
CA HIS D 215 30.80 10.32 14.56
C HIS D 215 31.32 8.97 15.04
N GLU D 216 31.12 7.95 14.20
CA GLU D 216 31.67 6.61 14.35
C GLU D 216 33.01 6.56 15.06
N MET D 217 33.11 5.67 16.04
CA MET D 217 34.40 5.29 16.63
C MET D 217 34.37 3.80 16.95
N TYR D 218 35.55 3.18 16.98
CA TYR D 218 35.62 1.74 17.18
C TYR D 218 36.28 1.37 18.49
N TRP D 219 35.59 0.53 19.27
CA TRP D 219 36.13 0.02 20.51
C TRP D 219 37.05 -1.15 20.19
N ILE D 220 38.35 -0.87 20.31
CA ILE D 220 39.42 -1.78 19.95
C ILE D 220 39.97 -2.44 21.22
N SER D 221 40.42 -3.69 21.09
CA SER D 221 40.87 -4.46 22.27
C SER D 221 42.31 -4.15 22.72
N ASN D 222 43.21 -3.88 21.78
CA ASN D 222 44.60 -3.61 22.11
C ASN D 222 44.93 -2.13 22.08
N GLY D 223 44.79 -1.50 23.24
CA GLY D 223 45.03 -0.07 23.37
C GLY D 223 44.55 0.37 24.74
N THR D 224 44.87 1.60 25.11
CA THR D 224 44.52 2.15 26.41
C THR D 224 44.45 3.67 26.32
N GLY D 225 43.71 4.29 27.22
CA GLY D 225 43.67 5.76 27.29
C GLY D 225 42.32 6.37 27.63
N ASN D 226 42.28 7.71 27.64
CA ASN D 226 41.10 8.45 28.04
C ASN D 226 40.07 8.52 26.91
N ILE D 227 38.96 7.80 27.08
CA ILE D 227 37.93 7.76 26.05
C ILE D 227 37.16 9.07 25.94
N VAL D 228 36.95 9.75 27.06
CA VAL D 228 36.24 11.02 27.03
C VAL D 228 36.97 12.04 26.14
N SER D 229 38.28 12.21 26.35
CA SER D 229 39.02 13.22 25.58
C SER D 229 39.22 12.81 24.12
N SER D 230 39.48 11.53 23.88
CA SER D 230 39.62 11.06 22.50
C SER D 230 38.32 11.26 21.70
N VAL D 231 37.17 11.13 22.39
CA VAL D 231 35.86 11.43 21.79
C VAL D 231 35.73 12.92 21.46
N ASN D 232 36.08 13.77 22.43
CA ASN D 232 36.07 15.22 22.25
C ASN D 232 36.99 15.70 21.13
N MET D 233 38.08 14.98 20.93
CA MET D 233 39.06 15.35 19.90
C MET D 233 38.49 15.09 18.52
N VAL D 234 37.72 14.01 18.39
CA VAL D 234 37.02 13.71 17.15
C VAL D 234 36.01 14.81 16.87
N SER D 235 35.28 15.23 17.91
CA SER D 235 34.31 16.32 17.80
C SER D 235 34.93 17.61 17.26
N ARG D 236 36.03 18.04 17.85
CA ARG D 236 36.73 19.25 17.41
C ARG D 236 37.24 19.10 15.98
N LEU D 237 37.79 17.93 15.67
CA LEU D 237 38.30 17.63 14.33
C LEU D 237 37.21 17.77 13.27
N LEU D 238 36.04 17.20 13.55
CA LEU D 238 34.91 17.25 12.63
C LEU D 238 34.28 18.64 12.53
N LEU D 239 34.18 19.34 13.66
CA LEU D 239 33.69 20.71 13.70
C LEU D 239 34.58 21.64 12.87
N ASN D 240 35.89 21.47 13.01
CA ASN D 240 36.88 22.24 12.25
C ASN D 240 36.79 22.04 10.74
N ARG D 241 36.30 20.87 10.33
CA ARG D 241 36.17 20.57 8.90
C ARG D 241 34.99 21.25 8.21
N PHE D 242 34.13 21.91 8.98
CA PHE D 242 33.07 22.78 8.42
C PHE D 242 33.68 24.05 7.82
N THR D 243 34.45 24.77 8.63
CA THR D 243 35.05 26.05 8.23
C THR D 243 36.26 25.89 7.30
N MET D 244 36.97 24.78 7.44
CA MET D 244 38.14 24.50 6.59
C MET D 244 37.71 24.35 5.14
N THR D 245 38.40 25.09 4.26
CA THR D 245 38.17 25.02 2.82
C THR D 245 38.20 23.58 2.34
N HIS D 246 37.29 23.22 1.45
CA HIS D 246 37.16 21.84 0.98
C HIS D 246 38.47 21.25 0.47
N ARG D 247 38.77 20.05 0.94
CA ARG D 247 39.94 19.29 0.49
C ARG D 247 39.49 18.00 -0.18
N ARG D 248 40.18 17.60 -1.24
CA ARG D 248 39.91 16.33 -1.90
C ARG D 248 40.28 15.16 -0.99
N PRO D 249 39.50 14.07 -1.00
CA PRO D 249 39.87 12.87 -0.26
C PRO D 249 41.24 12.34 -0.70
N THR D 250 41.99 11.78 0.25
CA THR D 250 43.25 11.10 -0.07
C THR D 250 42.95 9.70 -0.57
N ILE D 251 43.24 9.46 -1.84
CA ILE D 251 42.92 8.18 -2.48
C ILE D 251 44.04 7.15 -2.29
N GLU D 252 43.68 6.01 -1.71
CA GLU D 252 44.57 4.85 -1.57
C GLU D 252 44.07 3.69 -2.43
N LYS D 253 44.95 2.72 -2.68
CA LYS D 253 44.58 1.51 -3.41
C LYS D 253 43.83 0.53 -2.52
N ASP D 254 42.90 -0.23 -3.11
CA ASP D 254 42.07 -1.18 -2.39
C ASP D 254 42.86 -2.41 -1.97
N VAL D 255 42.26 -3.23 -1.11
CA VAL D 255 42.87 -4.47 -0.65
C VAL D 255 42.79 -5.56 -1.72
N ASP D 256 43.88 -6.30 -1.88
CA ASP D 256 43.91 -7.47 -2.75
C ASP D 256 43.80 -8.72 -1.89
N LEU D 257 42.64 -9.37 -1.91
CA LEU D 257 42.38 -10.51 -1.02
C LEU D 257 42.75 -11.87 -1.63
N GLY D 258 43.30 -11.85 -2.84
CA GLY D 258 43.85 -13.04 -3.49
C GLY D 258 42.86 -14.11 -3.88
N ALA D 259 43.31 -15.35 -3.89
CA ALA D 259 42.52 -16.50 -4.31
C ALA D 259 43.00 -17.80 -3.66
N GLY D 260 42.17 -18.82 -3.69
CA GLY D 260 42.56 -20.15 -3.20
C GLY D 260 41.97 -20.53 -1.86
N THR D 261 42.24 -21.76 -1.43
CA THR D 261 41.68 -22.32 -0.20
C THR D 261 42.71 -22.35 0.94
N ARG D 262 42.27 -22.78 2.13
CA ARG D 262 43.14 -22.93 3.30
C ARG D 262 42.87 -24.24 4.05
N HIS D 263 43.75 -24.58 4.99
CA HIS D 263 43.61 -25.79 5.80
C HIS D 263 42.68 -25.57 7.00
#